data_5MU6
#
_entry.id   5MU6
#
_cell.length_a   78.730
_cell.length_b   180.730
_cell.length_c   58.990
_cell.angle_alpha   90.00
_cell.angle_beta   90.00
_cell.angle_gamma   90.00
#
_symmetry.space_group_name_H-M   'P 21 21 2'
#
loop_
_entity.id
_entity.type
_entity.pdbx_description
1 polymer 'Glycylpeptide N-tetradecanoyltransferase 1'
2 non-polymer TETRADECANOYL-COA
3 non-polymer 'MAGNESIUM ION'
4 non-polymer GLYCEROL
5 non-polymer 1-[5-[3,4-bis(fluoranyl)-2-[2-(1,3,5-trimethylpyrazol-4-yl)ethoxy]phenyl]-1-methyl-indazol-3-yl]-~{N},~{N}-dimethyl-methanamine
6 water water
#
_entity_poly.entity_id   1
_entity_poly.type   'polypeptide(L)'
_entity_poly.pdbx_seq_one_letter_code
;GPHMEEASKRSYQFWDTQPVPKLGEVVNTHGPVEPDKDNIRQEPYTLPQGFTWDALDLGDRGVLKELYTLLNENYVEDDD
NMFRFDYSPEFLLWALRPPGWLPQWHCGVRVVSSRKLVGFISAIPANIHIYDTEKKMVEINFLCVHKKLRSKRVAPVLIR
EITRRVHLEGIFQAVYTAGVVLPKPVGTCRYWHRSLNPRKLIEVKFSHLSRNMTMQRTMKLYRLPETPKTAGLRPMETKD
IPVVHQLLTRYLKQFHLTPVMSQEEVEHWFYPQENIIDTFVVENANGEVTDFLSFYTLPSTIMNHPTHKSLKAAYSFYNV
HTQTPLLDLMSDALVLAKMKGFDVFNALDLMENKTFLEKLKFGIGDGNLQYYLYNWKCPSMGAEKVGLVLQ
;
_entity_poly.pdbx_strand_id   A,B
#
# COMPACT_ATOMS: atom_id res chain seq x y z
N ARG A 10 21.63 31.95 -8.17
CA ARG A 10 22.10 30.76 -7.48
C ARG A 10 21.74 29.52 -8.30
N SER A 11 22.68 28.59 -8.43
CA SER A 11 22.42 27.34 -9.13
C SER A 11 22.54 26.15 -8.19
N TYR A 12 21.91 25.04 -8.58
CA TYR A 12 21.87 23.83 -7.77
C TYR A 12 22.35 22.63 -8.58
N GLN A 13 23.59 22.20 -8.34
CA GLN A 13 24.22 21.17 -9.15
C GLN A 13 23.40 19.88 -9.21
N PHE A 14 22.83 19.48 -8.06
CA PHE A 14 21.98 18.30 -8.03
C PHE A 14 20.53 18.61 -8.36
N TRP A 15 19.94 19.58 -7.65
CA TRP A 15 18.49 19.77 -7.76
C TRP A 15 18.04 20.27 -9.12
N ASP A 16 18.93 20.90 -9.89
CA ASP A 16 18.59 21.33 -11.24
C ASP A 16 18.37 20.13 -12.18
N THR A 17 18.88 18.96 -11.80
CA THR A 17 18.69 17.76 -12.61
C THR A 17 17.39 17.01 -12.30
N GLN A 18 16.70 17.41 -11.23
CA GLN A 18 15.57 16.67 -10.70
C GLN A 18 14.22 17.19 -11.19
N PRO A 19 13.17 16.37 -11.15
CA PRO A 19 11.86 16.82 -11.63
C PRO A 19 11.10 17.65 -10.59
N VAL A 20 11.63 18.84 -10.30
CA VAL A 20 10.96 19.82 -9.46
C VAL A 20 11.04 21.16 -10.18
N PRO A 21 10.11 22.08 -9.88
CA PRO A 21 10.18 23.39 -10.55
C PRO A 21 11.38 24.22 -10.11
N LYS A 22 11.79 25.15 -10.95
CA LYS A 22 12.90 26.06 -10.66
C LYS A 22 12.50 27.13 -9.65
N LEU A 23 13.41 27.50 -8.75
CA LEU A 23 13.22 28.68 -7.91
C LEU A 23 12.83 29.91 -8.73
N GLY A 24 11.75 30.57 -8.34
CA GLY A 24 11.33 31.75 -9.07
C GLY A 24 10.41 31.48 -10.25
N GLU A 25 10.16 30.20 -10.49
CA GLU A 25 9.17 29.79 -11.48
C GLU A 25 7.80 30.26 -11.05
N VAL A 26 7.01 30.79 -11.97
CA VAL A 26 5.62 31.09 -11.68
C VAL A 26 4.78 29.89 -12.09
N VAL A 27 4.09 29.29 -11.12
CA VAL A 27 3.33 28.07 -11.41
C VAL A 27 1.82 28.28 -11.40
N ASN A 28 1.17 28.01 -12.53
CA ASN A 28 -0.28 28.10 -12.59
C ASN A 28 -0.94 26.84 -13.16
N THR A 29 -0.22 25.72 -13.13
CA THR A 29 -0.77 24.45 -13.61
C THR A 29 -0.79 23.42 -12.47
N HIS A 30 -1.37 22.25 -12.74
CA HIS A 30 -1.40 21.17 -11.76
C HIS A 30 -1.10 19.82 -12.39
N GLY A 31 -0.06 19.14 -11.90
CA GLY A 31 0.24 17.80 -12.39
C GLY A 31 1.69 17.38 -12.30
N PRO A 32 1.99 16.14 -12.72
CA PRO A 32 3.34 15.59 -12.66
C PRO A 32 4.33 16.42 -13.44
N VAL A 33 5.59 16.45 -13.02
CA VAL A 33 6.61 17.15 -13.80
C VAL A 33 7.02 16.24 -14.96
N GLU A 34 7.13 14.94 -14.69
CA GLU A 34 7.48 13.95 -15.71
C GLU A 34 6.58 12.71 -15.59
N PRO A 35 6.41 11.96 -16.69
CA PRO A 35 5.52 10.80 -16.66
C PRO A 35 6.07 9.67 -15.81
N ASP A 36 5.20 8.81 -15.32
CA ASP A 36 5.62 7.60 -14.60
C ASP A 36 6.59 6.83 -15.48
N LYS A 37 7.52 6.12 -14.85
CA LYS A 37 8.52 5.33 -15.55
C LYS A 37 8.04 3.88 -15.64
N ASP A 38 8.14 3.26 -16.82
CA ASP A 38 7.71 1.87 -16.92
C ASP A 38 8.87 0.88 -17.01
N ASN A 39 10.10 1.38 -16.95
CA ASN A 39 11.25 0.53 -16.64
C ASN A 39 12.18 1.21 -15.63
N ILE A 40 12.62 0.44 -14.64
CA ILE A 40 13.37 1.00 -13.52
C ILE A 40 14.70 0.30 -13.34
N ARG A 41 15.75 1.11 -13.12
CA ARG A 41 17.12 0.65 -12.84
C ARG A 41 17.14 -0.39 -11.74
N GLN A 42 17.64 -1.59 -12.04
CA GLN A 42 17.65 -2.70 -11.07
C GLN A 42 18.83 -2.70 -10.12
N GLU A 43 19.89 -1.98 -10.47
CA GLU A 43 21.10 -1.97 -9.65
C GLU A 43 21.18 -0.74 -8.74
N PRO A 44 21.63 -0.95 -7.51
CA PRO A 44 21.86 0.17 -6.58
C PRO A 44 22.86 1.17 -7.17
N TYR A 45 22.71 2.46 -6.86
CA TYR A 45 23.72 3.43 -7.29
C TYR A 45 25.06 3.21 -6.59
N THR A 46 26.13 3.67 -7.22
CA THR A 46 27.48 3.49 -6.71
C THR A 46 27.84 4.43 -5.56
N LEU A 47 28.35 3.87 -4.48
CA LEU A 47 28.85 4.69 -3.35
C LEU A 47 30.35 4.92 -3.47
N PRO A 48 30.88 5.93 -2.75
CA PRO A 48 32.34 6.09 -2.73
C PRO A 48 33.03 4.81 -2.24
N GLN A 49 34.25 4.58 -2.71
CA GLN A 49 34.98 3.37 -2.33
C GLN A 49 35.10 3.23 -0.81
N GLY A 50 34.88 2.01 -0.32
CA GLY A 50 35.00 1.73 1.10
C GLY A 50 33.68 1.75 1.86
N PHE A 51 32.59 2.11 1.16
CA PHE A 51 31.26 2.19 1.77
C PHE A 51 30.28 1.22 1.08
N THR A 52 29.24 0.82 1.80
CA THR A 52 28.26 -0.13 1.27
C THR A 52 26.84 0.16 1.75
N TRP A 53 25.86 -0.20 0.93
CA TRP A 53 24.45 -0.11 1.33
C TRP A 53 24.12 -1.17 2.37
N ASP A 54 23.15 -0.86 3.22
CA ASP A 54 22.56 -1.85 4.11
C ASP A 54 21.15 -1.43 4.54
N ALA A 55 20.16 -2.29 4.31
CA ALA A 55 18.80 -2.03 4.80
C ALA A 55 18.71 -2.43 6.27
N LEU A 56 18.25 -1.51 7.11
CA LEU A 56 18.29 -1.71 8.56
C LEU A 56 17.03 -2.39 9.11
N ASP A 57 17.20 -3.51 9.80
CA ASP A 57 16.05 -4.16 10.43
C ASP A 57 15.84 -3.53 11.81
N LEU A 58 14.93 -2.58 11.88
CA LEU A 58 14.75 -1.82 13.12
C LEU A 58 14.07 -2.67 14.20
N GLY A 59 13.69 -3.88 13.85
CA GLY A 59 13.12 -4.81 14.80
C GLY A 59 14.23 -5.48 15.58
N ASP A 60 15.45 -5.32 15.10
CA ASP A 60 16.64 -5.80 15.79
C ASP A 60 17.14 -4.70 16.73
N ARG A 61 17.23 -5.03 18.02
CA ARG A 61 17.49 -4.04 19.05
C ARG A 61 18.87 -3.38 18.86
N GLY A 62 19.86 -4.21 18.54
CA GLY A 62 21.20 -3.73 18.27
C GLY A 62 21.29 -2.75 17.12
N VAL A 63 20.60 -3.05 16.04
CA VAL A 63 20.60 -2.20 14.86
C VAL A 63 19.85 -0.90 15.13
N LEU A 64 18.71 -1.00 15.82
CA LEU A 64 17.97 0.18 16.23
C LEU A 64 18.83 1.14 17.08
N LYS A 65 19.65 0.59 17.97
CA LYS A 65 20.57 1.38 18.78
C LYS A 65 21.63 2.11 17.93
N GLU A 66 22.08 1.44 16.88
CA GLU A 66 23.05 2.02 15.97
C GLU A 66 22.46 3.22 15.28
N LEU A 67 21.22 3.11 14.86
CA LEU A 67 20.54 4.23 14.23
C LEU A 67 20.28 5.35 15.27
N TYR A 68 19.91 4.98 16.49
CA TYR A 68 19.73 5.99 17.56
C TYR A 68 21.02 6.80 17.73
N THR A 69 22.14 6.11 17.82
CA THR A 69 23.44 6.77 18.02
C THR A 69 23.83 7.69 16.86
N LEU A 70 23.67 7.22 15.63
CA LEU A 70 23.97 8.04 14.45
C LEU A 70 23.22 9.39 14.45
N LEU A 71 21.92 9.34 14.73
CA LEU A 71 21.12 10.57 14.75
C LEU A 71 21.44 11.42 15.99
N ASN A 72 21.60 10.78 17.14
CA ASN A 72 21.95 11.49 18.37
C ASN A 72 23.21 12.34 18.20
N GLU A 73 24.14 11.83 17.40
CA GLU A 73 25.44 12.48 17.24
C GLU A 73 25.58 13.32 15.97
N ASN A 74 24.70 13.12 14.99
CA ASN A 74 24.92 13.75 13.69
C ASN A 74 23.69 14.36 13.04
N TYR A 75 22.54 14.38 13.71
CA TYR A 75 21.32 14.88 13.07
C TYR A 75 21.16 16.39 13.26
N VAL A 76 19.93 16.87 13.15
CA VAL A 76 19.66 18.29 12.99
C VAL A 76 20.05 19.14 14.21
N GLU A 77 20.79 20.22 13.99
CA GLU A 77 21.12 21.20 15.04
C GLU A 77 20.45 22.54 14.77
N ASP A 78 20.31 23.36 15.81
CA ASP A 78 19.81 24.71 15.59
C ASP A 78 20.84 25.57 14.83
N ASP A 79 20.42 26.74 14.37
CA ASP A 79 21.26 27.62 13.58
C ASP A 79 22.51 28.13 14.33
N ASP A 80 22.53 27.95 15.64
CA ASP A 80 23.67 28.36 16.46
C ASP A 80 24.51 27.23 17.03
N ASN A 81 24.27 26.01 16.56
CA ASN A 81 24.98 24.83 17.03
C ASN A 81 25.03 24.67 18.55
N MET A 82 23.91 24.95 19.21
CA MET A 82 23.78 24.77 20.65
C MET A 82 22.91 23.54 21.02
N PHE A 83 21.97 23.18 20.14
CA PHE A 83 21.04 22.09 20.43
C PHE A 83 20.96 21.08 19.27
N ARG A 84 20.74 19.80 19.58
CA ARG A 84 20.62 18.76 18.54
C ARG A 84 19.50 17.76 18.88
N PHE A 85 18.64 17.43 17.90
CA PHE A 85 17.55 16.47 18.14
C PHE A 85 18.06 15.16 18.75
N ASP A 86 17.27 14.62 19.68
CA ASP A 86 17.59 13.37 20.36
C ASP A 86 16.36 12.43 20.33
N TYR A 87 16.00 11.96 19.13
CA TYR A 87 14.89 10.99 18.96
C TYR A 87 15.17 9.70 19.72
N SER A 88 14.21 9.22 20.50
CA SER A 88 14.40 7.96 21.23
C SER A 88 14.24 6.77 20.29
N PRO A 89 14.80 5.62 20.66
CA PRO A 89 14.62 4.40 19.86
C PRO A 89 13.15 4.07 19.63
N GLU A 90 12.35 4.14 20.70
CA GLU A 90 10.93 3.82 20.58
C GLU A 90 10.19 4.83 19.71
N PHE A 91 10.61 6.10 19.79
CA PHE A 91 10.03 7.12 18.94
C PHE A 91 10.35 6.81 17.47
N LEU A 92 11.58 6.39 17.21
CA LEU A 92 11.99 6.06 15.83
C LEU A 92 11.13 4.94 15.23
N LEU A 93 10.87 3.91 16.03
CA LEU A 93 9.93 2.84 15.63
C LEU A 93 8.53 3.37 15.29
N TRP A 94 8.02 4.32 16.08
CA TRP A 94 6.73 4.92 15.80
C TRP A 94 6.74 5.64 14.47
N ALA A 95 7.79 6.42 14.22
CA ALA A 95 7.84 7.24 13.01
C ALA A 95 8.18 6.43 11.75
N LEU A 96 8.92 5.34 11.92
CA LEU A 96 9.46 4.60 10.76
C LEU A 96 8.74 3.28 10.43
N ARG A 97 7.85 2.81 11.31
CA ARG A 97 7.06 1.61 11.02
C ARG A 97 5.54 1.80 11.13
N PRO A 98 4.98 2.79 10.43
CA PRO A 98 3.54 2.92 10.37
C PRO A 98 2.97 1.84 9.43
N PRO A 99 1.64 1.72 9.32
CA PRO A 99 1.06 0.76 8.38
C PRO A 99 1.64 0.88 6.96
N GLY A 100 2.03 -0.25 6.38
CA GLY A 100 2.53 -0.27 5.02
C GLY A 100 4.04 -0.05 4.90
N TRP A 101 4.73 0.09 6.02
CA TRP A 101 6.19 0.29 5.99
C TRP A 101 6.93 -0.85 5.28
N LEU A 102 8.10 -0.56 4.71
CA LEU A 102 8.93 -1.56 4.01
C LEU A 102 10.39 -1.49 4.46
N PRO A 103 11.04 -2.63 4.65
CA PRO A 103 12.42 -2.64 5.18
C PRO A 103 13.44 -2.05 4.20
N GLN A 104 13.22 -2.20 2.90
CA GLN A 104 14.16 -1.66 1.92
C GLN A 104 14.14 -0.12 1.94
N TRP A 105 13.11 0.44 2.56
CA TRP A 105 12.97 1.87 2.64
C TRP A 105 13.60 2.48 3.91
N HIS A 106 14.26 1.63 4.68
CA HIS A 106 15.09 2.07 5.79
C HIS A 106 16.55 1.93 5.33
N CYS A 107 17.00 2.94 4.62
CA CYS A 107 18.19 2.84 3.77
C CYS A 107 19.47 3.40 4.41
N GLY A 108 20.31 2.53 4.95
CA GLY A 108 21.57 2.89 5.58
C GLY A 108 22.84 2.77 4.73
N VAL A 109 23.90 3.44 5.18
CA VAL A 109 25.23 3.37 4.58
C VAL A 109 26.24 3.00 5.66
N ARG A 110 27.05 1.98 5.43
CA ARG A 110 28.04 1.58 6.42
C ARG A 110 29.45 1.62 5.84
N VAL A 111 30.45 1.77 6.72
CA VAL A 111 31.84 1.60 6.33
C VAL A 111 32.15 0.10 6.21
N VAL A 112 32.68 -0.31 5.06
CA VAL A 112 32.87 -1.74 4.78
C VAL A 112 33.74 -2.45 5.82
N SER A 113 34.86 -1.85 6.20
CA SER A 113 35.80 -2.53 7.10
C SER A 113 35.34 -2.56 8.55
N SER A 114 34.85 -1.45 9.08
CA SER A 114 34.46 -1.40 10.49
C SER A 114 32.99 -1.72 10.75
N ARG A 115 32.17 -1.64 9.70
CA ARG A 115 30.71 -1.79 9.72
C ARG A 115 29.99 -0.58 10.37
N LYS A 116 30.73 0.47 10.68
CA LYS A 116 30.16 1.66 11.33
C LYS A 116 29.06 2.31 10.48
N LEU A 117 27.89 2.56 11.07
CA LEU A 117 26.82 3.24 10.35
C LEU A 117 27.14 4.72 10.21
N VAL A 118 27.12 5.25 8.98
CA VAL A 118 27.53 6.64 8.74
C VAL A 118 26.59 7.43 7.84
N GLY A 119 25.53 6.80 7.34
CA GLY A 119 24.53 7.50 6.56
C GLY A 119 23.14 6.85 6.67
N PHE A 120 22.08 7.60 6.40
CA PHE A 120 20.71 7.07 6.46
C PHE A 120 19.74 7.96 5.71
N ILE A 121 18.69 7.36 5.16
CA ILE A 121 17.53 8.08 4.65
C ILE A 121 16.31 7.12 4.69
N SER A 122 15.11 7.66 4.90
CA SER A 122 13.91 6.81 5.02
C SER A 122 12.73 7.30 4.17
N ALA A 123 11.89 6.35 3.78
CA ALA A 123 10.61 6.61 3.17
C ALA A 123 9.52 5.83 3.92
N ILE A 124 8.34 6.44 4.06
CA ILE A 124 7.14 5.74 4.53
C ILE A 124 5.99 6.08 3.60
N PRO A 125 5.05 5.15 3.40
CA PRO A 125 3.96 5.43 2.48
C PRO A 125 2.91 6.36 3.10
N ALA A 126 2.24 7.17 2.27
CA ALA A 126 1.16 8.02 2.73
C ALA A 126 0.28 8.44 1.56
N ASN A 127 -1.03 8.44 1.77
CA ASN A 127 -1.91 9.07 0.80
C ASN A 127 -2.03 10.56 1.09
N ILE A 128 -1.83 11.37 0.05
CA ILE A 128 -1.73 12.81 0.21
C ILE A 128 -2.77 13.51 -0.64
N HIS A 129 -3.51 14.42 -0.02
CA HIS A 129 -4.45 15.25 -0.74
C HIS A 129 -3.79 16.59 -1.06
N ILE A 130 -3.68 16.92 -2.34
CA ILE A 130 -3.07 18.18 -2.74
C ILE A 130 -4.02 18.88 -3.72
N TYR A 131 -4.54 20.02 -3.26
CA TYR A 131 -5.61 20.73 -3.95
C TYR A 131 -6.75 19.80 -4.34
N ASP A 132 -7.03 19.61 -5.63
CA ASP A 132 -8.16 18.75 -6.01
C ASP A 132 -7.76 17.32 -6.37
N THR A 133 -6.55 16.91 -6.00
CA THR A 133 -6.06 15.58 -6.36
C THR A 133 -5.69 14.78 -5.13
N GLU A 134 -5.95 13.48 -5.15
CA GLU A 134 -5.44 12.63 -4.09
C GLU A 134 -4.50 11.59 -4.71
N LYS A 135 -3.34 11.39 -4.08
CA LYS A 135 -2.22 10.66 -4.66
C LYS A 135 -1.54 9.80 -3.62
N LYS A 136 -1.24 8.56 -3.98
CA LYS A 136 -0.37 7.73 -3.18
C LYS A 136 1.06 8.25 -3.33
N MET A 137 1.70 8.58 -2.22
CA MET A 137 3.03 9.17 -2.21
C MET A 137 3.89 8.48 -1.16
N VAL A 138 5.13 8.95 -1.01
CA VAL A 138 5.92 8.64 0.19
C VAL A 138 6.32 9.93 0.92
N GLU A 139 6.62 9.80 2.21
CA GLU A 139 7.21 10.89 3.00
C GLU A 139 8.67 10.59 3.24
N ILE A 140 9.54 11.52 2.86
CA ILE A 140 10.97 11.31 3.10
C ILE A 140 11.41 12.05 4.36
N ASN A 141 12.17 11.38 5.22
CA ASN A 141 12.60 11.93 6.50
C ASN A 141 13.90 11.30 6.97
N PHE A 142 14.54 11.90 7.98
CA PHE A 142 15.72 11.35 8.63
C PHE A 142 16.92 11.14 7.68
N LEU A 143 17.03 12.00 6.67
CA LEU A 143 18.27 12.08 5.90
C LEU A 143 19.40 12.54 6.83
N CYS A 144 20.48 11.77 6.91
CA CYS A 144 21.60 12.08 7.79
C CYS A 144 22.94 11.54 7.27
N VAL A 145 23.95 12.41 7.23
CA VAL A 145 25.30 11.99 6.88
C VAL A 145 26.25 12.35 8.02
N HIS A 146 27.07 11.39 8.44
CA HIS A 146 28.03 11.60 9.51
C HIS A 146 28.84 12.90 9.35
N LYS A 147 29.07 13.60 10.46
CA LYS A 147 29.81 14.86 10.44
C LYS A 147 31.13 14.71 9.67
N LYS A 148 31.83 13.60 9.85
CA LYS A 148 33.11 13.39 9.19
C LYS A 148 33.00 13.21 7.67
N LEU A 149 31.78 13.03 7.15
CA LEU A 149 31.60 12.82 5.70
C LEU A 149 30.83 13.94 5.01
N ARG A 150 30.64 15.06 5.67
CA ARG A 150 29.87 16.15 5.09
C ARG A 150 30.62 16.77 3.92
N SER A 151 29.86 17.33 2.98
CA SER A 151 30.37 18.10 1.86
C SER A 151 31.17 17.25 0.86
N LYS A 152 30.88 15.94 0.82
CA LYS A 152 31.47 15.03 -0.16
C LYS A 152 30.43 14.45 -1.15
N ARG A 153 29.32 15.16 -1.34
CA ARG A 153 28.24 14.77 -2.26
C ARG A 153 27.70 13.35 -2.04
N VAL A 154 27.65 12.92 -0.79
CA VAL A 154 27.02 11.64 -0.41
C VAL A 154 25.48 11.76 -0.38
N ALA A 155 24.97 12.92 0.02
CA ALA A 155 23.52 13.10 0.11
C ALA A 155 22.78 12.93 -1.22
N PRO A 156 23.33 13.46 -2.34
CA PRO A 156 22.61 13.18 -3.60
C PRO A 156 22.51 11.68 -3.94
N VAL A 157 23.47 10.88 -3.48
CA VAL A 157 23.42 9.46 -3.74
C VAL A 157 22.31 8.81 -2.92
N LEU A 158 22.19 9.24 -1.67
CA LEU A 158 21.10 8.78 -0.81
C LEU A 158 19.75 9.12 -1.42
N ILE A 159 19.62 10.32 -1.95
CA ILE A 159 18.35 10.75 -2.49
C ILE A 159 17.99 9.97 -3.77
N ARG A 160 18.97 9.77 -4.66
CA ARG A 160 18.71 8.98 -5.87
C ARG A 160 18.36 7.53 -5.55
N GLU A 161 19.03 6.96 -4.58
CA GLU A 161 18.80 5.56 -4.25
C GLU A 161 17.42 5.34 -3.62
N ILE A 162 17.01 6.22 -2.71
CA ILE A 162 15.69 6.05 -2.14
C ILE A 162 14.64 6.30 -3.22
N THR A 163 14.93 7.24 -4.12
CA THR A 163 14.03 7.50 -5.24
C THR A 163 13.87 6.21 -6.08
N ARG A 164 14.98 5.55 -6.36
CA ARG A 164 14.97 4.30 -7.15
C ARG A 164 14.12 3.23 -6.47
N ARG A 165 14.37 3.01 -5.19
CA ARG A 165 13.65 1.99 -4.43
C ARG A 165 12.16 2.31 -4.27
N VAL A 166 11.79 3.58 -4.36
CA VAL A 166 10.39 3.96 -4.26
C VAL A 166 9.72 3.69 -5.61
N HIS A 167 10.42 4.05 -6.68
CA HIS A 167 9.99 3.77 -8.03
C HIS A 167 9.66 2.29 -8.27
N LEU A 168 10.47 1.39 -7.72
CA LEU A 168 10.27 -0.04 -7.89
C LEU A 168 8.92 -0.51 -7.36
N GLU A 169 8.36 0.23 -6.40
CA GLU A 169 7.07 -0.10 -5.80
C GLU A 169 5.95 0.67 -6.47
N GLY A 170 6.24 1.38 -7.54
CA GLY A 170 5.22 2.04 -8.34
C GLY A 170 4.76 3.42 -7.89
N ILE A 171 5.56 4.06 -7.04
CA ILE A 171 5.23 5.40 -6.55
C ILE A 171 6.16 6.46 -7.17
N PHE A 172 5.59 7.56 -7.69
CA PHE A 172 6.37 8.55 -8.41
C PHE A 172 6.22 10.00 -7.88
N GLN A 173 5.63 10.13 -6.70
CA GLN A 173 5.56 11.44 -6.05
C GLN A 173 5.97 11.31 -4.59
N ALA A 174 6.45 12.41 -4.01
CA ALA A 174 6.83 12.40 -2.61
C ALA A 174 6.60 13.77 -1.98
N VAL A 175 6.50 13.79 -0.65
CA VAL A 175 6.42 15.04 0.11
C VAL A 175 7.50 15.06 1.19
N TYR A 176 8.05 16.23 1.47
CA TYR A 176 9.10 16.32 2.48
C TYR A 176 9.24 17.75 2.99
N THR A 177 9.93 17.89 4.12
CA THR A 177 10.20 19.20 4.72
C THR A 177 11.68 19.38 5.01
N ALA A 178 12.15 20.63 4.98
CA ALA A 178 13.52 20.91 5.39
C ALA A 178 13.69 22.37 5.80
N GLY A 179 14.74 22.65 6.55
CA GLY A 179 15.02 24.02 6.95
C GLY A 179 15.62 24.85 5.83
N VAL A 180 16.37 24.22 4.95
CA VAL A 180 17.05 24.95 3.89
C VAL A 180 16.14 25.21 2.69
N VAL A 181 16.46 26.26 1.94
CA VAL A 181 15.71 26.64 0.76
C VAL A 181 16.22 25.91 -0.49
N LEU A 182 15.31 25.18 -1.12
CA LEU A 182 15.58 24.35 -2.28
C LEU A 182 14.55 24.65 -3.36
N PRO A 183 14.81 24.22 -4.61
CA PRO A 183 13.72 24.27 -5.59
C PRO A 183 12.69 23.17 -5.29
N LYS A 184 11.41 23.47 -5.08
CA LYS A 184 10.88 24.80 -4.86
C LYS A 184 9.77 24.65 -3.81
N PRO A 185 9.75 25.53 -2.79
CA PRO A 185 8.77 25.33 -1.71
C PRO A 185 7.32 25.43 -2.15
N VAL A 186 6.48 24.51 -1.70
CA VAL A 186 5.04 24.66 -1.90
C VAL A 186 4.42 25.50 -0.77
N GLY A 187 5.09 25.56 0.36
CA GLY A 187 4.65 26.37 1.49
C GLY A 187 5.80 26.63 2.44
N THR A 188 5.72 27.72 3.21
CA THR A 188 6.76 28.09 4.16
C THR A 188 6.15 28.38 5.54
N CYS A 189 6.60 27.68 6.57
CA CYS A 189 6.08 27.89 7.93
C CYS A 189 7.16 28.40 8.86
N ARG A 190 6.75 29.27 9.79
CA ARG A 190 7.61 29.69 10.90
C ARG A 190 7.27 28.84 12.11
N TYR A 191 8.26 28.43 12.88
CA TYR A 191 8.01 27.81 14.17
C TYR A 191 8.06 28.83 15.31
N TRP A 192 7.26 28.56 16.35
CA TRP A 192 7.10 29.38 17.56
C TRP A 192 7.28 28.53 18.81
N HIS A 193 7.71 29.16 19.92
CA HIS A 193 8.00 28.43 21.14
C HIS A 193 7.27 29.03 22.38
N ARG A 194 6.62 28.18 23.19
CA ARG A 194 5.95 28.64 24.40
C ARG A 194 6.70 28.20 25.65
N SER A 195 7.28 29.15 26.37
CA SER A 195 8.06 28.83 27.55
CA SER A 195 8.06 28.84 27.56
C SER A 195 7.21 28.21 28.66
N LEU A 196 7.69 27.10 29.21
CA LEU A 196 7.05 26.42 30.31
C LEU A 196 7.94 26.47 31.56
N ASN A 197 9.25 26.38 31.34
CA ASN A 197 10.24 26.45 32.40
C ASN A 197 11.28 27.55 32.07
N PRO A 198 10.85 28.82 32.15
CA PRO A 198 11.68 29.90 31.63
C PRO A 198 13.05 30.02 32.27
N ARG A 199 13.19 29.72 33.56
CA ARG A 199 14.49 29.83 34.19
C ARG A 199 15.53 28.94 33.47
N LYS A 200 15.14 27.71 33.15
CA LYS A 200 16.04 26.78 32.46
C LYS A 200 16.30 27.21 31.03
N LEU A 201 15.27 27.66 30.34
CA LEU A 201 15.44 28.08 28.96
C LEU A 201 16.45 29.22 28.84
N ILE A 202 16.43 30.12 29.82
CA ILE A 202 17.37 31.23 29.84
C ILE A 202 18.79 30.80 30.20
N GLU A 203 18.93 29.94 31.19
CA GLU A 203 20.25 29.47 31.62
C GLU A 203 21.00 28.74 30.49
N VAL A 204 20.27 28.01 29.64
CA VAL A 204 20.90 27.28 28.54
C VAL A 204 20.89 28.08 27.25
N LYS A 205 20.43 29.33 27.33
CA LYS A 205 20.44 30.27 26.23
C LYS A 205 19.58 29.84 25.03
N PHE A 206 18.54 29.06 25.29
CA PHE A 206 17.50 28.82 24.31
C PHE A 206 16.76 30.12 24.07
N SER A 207 16.49 30.85 25.15
CA SER A 207 15.88 32.18 25.07
C SER A 207 16.66 33.14 25.95
N HIS A 208 16.31 34.43 25.90
CA HIS A 208 17.04 35.42 26.70
C HIS A 208 16.10 36.26 27.56
N LEU A 209 16.60 36.71 28.70
CA LEU A 209 15.85 37.60 29.59
C LEU A 209 15.57 38.92 28.88
N SER A 210 14.34 39.40 28.95
CA SER A 210 14.04 40.68 28.32
C SER A 210 14.70 41.80 29.12
N ARG A 211 15.14 42.85 28.43
CA ARG A 211 15.82 43.93 29.14
C ARG A 211 14.84 44.71 30.01
N ASN A 212 13.56 44.68 29.67
CA ASN A 212 12.57 45.37 30.48
C ASN A 212 11.75 44.41 31.35
N MET A 213 12.29 43.22 31.59
CA MET A 213 11.66 42.27 32.49
C MET A 213 12.65 41.62 33.44
N THR A 214 12.30 41.52 34.71
CA THR A 214 13.11 40.75 35.64
C THR A 214 12.81 39.26 35.42
N MET A 215 13.68 38.41 35.94
CA MET A 215 13.43 36.99 35.93
C MET A 215 12.15 36.71 36.71
N GLN A 216 12.00 37.36 37.86
CA GLN A 216 10.82 37.19 38.70
C GLN A 216 9.54 37.47 37.90
N ARG A 217 9.53 38.57 37.16
CA ARG A 217 8.40 38.89 36.31
C ARG A 217 8.21 37.83 35.22
N THR A 218 9.32 37.34 34.69
CA THR A 218 9.25 36.38 33.59
C THR A 218 8.60 35.09 34.05
N MET A 219 9.02 34.56 35.19
CA MET A 219 8.40 33.36 35.74
C MET A 219 6.90 33.52 36.00
N LYS A 220 6.48 34.71 36.43
CA LYS A 220 5.07 34.94 36.72
C LYS A 220 4.29 35.14 35.43
N LEU A 221 4.92 35.76 34.45
CA LEU A 221 4.28 35.96 33.15
C LEU A 221 3.86 34.62 32.53
N TYR A 222 4.69 33.60 32.70
CA TYR A 222 4.45 32.31 32.03
C TYR A 222 3.79 31.25 32.92
N ARG A 223 3.42 31.63 34.13
CA ARG A 223 2.81 30.66 35.05
C ARG A 223 1.50 30.14 34.47
N LEU A 224 1.23 28.84 34.68
CA LEU A 224 0.01 28.19 34.19
C LEU A 224 -0.82 27.58 35.33
N PRO A 225 -2.14 27.38 35.10
CA PRO A 225 -3.00 26.61 36.01
C PRO A 225 -2.45 25.21 36.29
N GLU A 226 -2.80 24.63 37.43
CA GLU A 226 -2.29 23.31 37.78
C GLU A 226 -3.08 22.18 37.10
N THR A 227 -4.27 22.48 36.62
CA THR A 227 -5.09 21.49 35.91
C THR A 227 -5.85 22.15 34.77
N PRO A 228 -6.17 21.37 33.71
CA PRO A 228 -6.89 21.87 32.53
C PRO A 228 -8.32 22.36 32.84
N LYS A 229 -8.81 23.34 32.07
CA LYS A 229 -10.13 23.93 32.24
C LYS A 229 -11.29 23.13 31.61
N THR A 230 -11.03 22.54 30.46
CA THR A 230 -12.08 21.92 29.67
C THR A 230 -12.72 20.69 30.31
N ALA A 231 -14.03 20.78 30.47
CA ALA A 231 -14.79 19.76 31.14
C ALA A 231 -14.86 18.52 30.28
N GLY A 232 -14.52 17.39 30.88
CA GLY A 232 -14.64 16.12 30.17
C GLY A 232 -13.40 15.69 29.40
N LEU A 233 -12.31 16.43 29.57
CA LEU A 233 -11.04 16.12 28.93
C LEU A 233 -10.47 14.84 29.55
N ARG A 234 -10.00 13.91 28.72
CA ARG A 234 -9.43 12.66 29.18
C ARG A 234 -8.53 12.06 28.08
N PRO A 235 -7.61 11.16 28.45
CA PRO A 235 -6.79 10.49 27.43
C PRO A 235 -7.61 9.66 26.46
N MET A 236 -7.19 9.67 25.20
CA MET A 236 -7.75 8.80 24.17
C MET A 236 -7.68 7.33 24.56
N GLU A 237 -8.76 6.60 24.25
CA GLU A 237 -8.85 5.14 24.45
C GLU A 237 -9.19 4.41 23.15
N THR A 238 -9.06 3.09 23.17
CA THR A 238 -9.40 2.25 22.00
C THR A 238 -10.80 2.53 21.45
N LYS A 239 -11.78 2.73 22.33
CA LYS A 239 -13.15 2.98 21.89
C LYS A 239 -13.30 4.30 21.13
N ASP A 240 -12.30 5.19 21.26
CA ASP A 240 -12.35 6.49 20.59
C ASP A 240 -11.74 6.48 19.17
N ILE A 241 -11.08 5.40 18.79
CA ILE A 241 -10.44 5.38 17.47
C ILE A 241 -11.39 5.78 16.32
N PRO A 242 -12.60 5.19 16.24
CA PRO A 242 -13.45 5.61 15.11
C PRO A 242 -13.83 7.09 15.12
N VAL A 243 -14.23 7.64 16.26
CA VAL A 243 -14.69 9.02 16.26
C VAL A 243 -13.51 9.99 16.02
N VAL A 244 -12.33 9.66 16.54
CA VAL A 244 -11.15 10.48 16.25
C VAL A 244 -10.87 10.52 14.75
N HIS A 245 -10.97 9.35 14.10
CA HIS A 245 -10.81 9.27 12.65
C HIS A 245 -11.82 10.17 11.96
N GLN A 246 -13.08 10.09 12.40
CA GLN A 246 -14.15 10.90 11.82
C GLN A 246 -13.87 12.40 11.98
N LEU A 247 -13.50 12.79 13.19
CA LEU A 247 -13.24 14.19 13.49
C LEU A 247 -12.09 14.72 12.62
N LEU A 248 -11.00 13.97 12.57
CA LEU A 248 -9.83 14.39 11.79
C LEU A 248 -10.12 14.51 10.29
N THR A 249 -10.80 13.50 9.72
CA THR A 249 -11.08 13.52 8.29
C THR A 249 -11.92 14.72 7.89
N ARG A 250 -12.94 15.02 8.69
CA ARG A 250 -13.81 16.13 8.34
C ARG A 250 -13.15 17.49 8.54
N TYR A 251 -12.35 17.61 9.60
CA TYR A 251 -11.66 18.86 9.89
C TYR A 251 -10.63 19.22 8.81
N LEU A 252 -9.92 18.22 8.29
CA LEU A 252 -8.81 18.49 7.37
C LEU A 252 -9.25 18.95 5.98
N LYS A 253 -10.54 18.80 5.64
CA LYS A 253 -11.02 19.15 4.32
C LYS A 253 -10.82 20.62 3.95
N GLN A 254 -10.70 21.51 4.94
CA GLN A 254 -10.59 22.93 4.66
C GLN A 254 -9.19 23.38 4.17
N PHE A 255 -8.19 22.53 4.31
CA PHE A 255 -6.81 22.90 3.93
C PHE A 255 -6.44 22.32 2.54
N HIS A 256 -5.30 22.74 2.01
CA HIS A 256 -4.91 22.34 0.65
C HIS A 256 -3.81 21.28 0.56
N LEU A 257 -3.11 21.02 1.66
CA LEU A 257 -2.12 19.94 1.69
C LEU A 257 -2.32 19.14 2.97
N THR A 258 -2.84 17.92 2.83
CA THR A 258 -3.22 17.12 4.00
C THR A 258 -2.97 15.62 3.79
N PRO A 259 -2.79 14.87 4.90
CA PRO A 259 -2.79 13.42 4.76
C PRO A 259 -4.23 12.90 4.70
N VAL A 260 -4.42 11.77 4.05
CA VAL A 260 -5.69 11.06 4.08
C VAL A 260 -5.45 9.74 4.79
N MET A 261 -5.88 9.64 6.04
CA MET A 261 -5.57 8.47 6.85
C MET A 261 -6.70 7.42 6.87
N SER A 262 -6.31 6.16 6.87
CA SER A 262 -7.22 5.06 7.19
C SER A 262 -7.47 5.01 8.71
N GLN A 263 -8.41 4.19 9.15
CA GLN A 263 -8.69 4.06 10.58
C GLN A 263 -7.50 3.40 11.29
N GLU A 264 -6.80 2.51 10.60
CA GLU A 264 -5.64 1.86 11.17
C GLU A 264 -4.48 2.85 11.30
N GLU A 265 -4.38 3.76 10.34
CA GLU A 265 -3.36 4.79 10.38
C GLU A 265 -3.66 5.77 11.53
N VAL A 266 -4.94 6.09 11.73
CA VAL A 266 -5.32 6.93 12.86
C VAL A 266 -4.92 6.30 14.19
N GLU A 267 -5.13 4.99 14.31
CA GLU A 267 -4.73 4.30 15.52
C GLU A 267 -3.23 4.41 15.73
N HIS A 268 -2.44 4.16 14.68
CA HIS A 268 -0.99 4.28 14.81
C HIS A 268 -0.55 5.67 15.24
N TRP A 269 -1.04 6.71 14.58
CA TRP A 269 -0.49 8.04 14.81
C TRP A 269 -0.97 8.72 16.10
N PHE A 270 -2.10 8.25 16.65
CA PHE A 270 -2.70 8.97 17.78
C PHE A 270 -2.89 8.21 19.09
N TYR A 271 -3.02 6.89 19.02
CA TYR A 271 -3.20 6.12 20.25
C TYR A 271 -2.00 6.36 21.16
N PRO A 272 -2.26 6.76 22.41
CA PRO A 272 -1.20 7.25 23.31
C PRO A 272 -0.11 6.22 23.60
N GLN A 273 1.14 6.65 23.47
CA GLN A 273 2.30 5.88 23.90
C GLN A 273 3.18 6.79 24.75
N GLU A 274 3.47 6.37 25.97
CA GLU A 274 4.16 7.22 26.93
C GLU A 274 5.56 7.62 26.42
N ASN A 275 5.88 8.89 26.58
CA ASN A 275 7.16 9.45 26.13
C ASN A 275 7.31 9.43 24.60
N ILE A 276 6.20 9.25 23.89
CA ILE A 276 6.21 9.37 22.44
C ILE A 276 5.08 10.25 21.90
N ILE A 277 3.83 9.87 22.16
CA ILE A 277 2.69 10.56 21.58
C ILE A 277 1.55 10.64 22.60
N ASP A 278 0.98 11.84 22.75
CA ASP A 278 -0.14 12.07 23.67
C ASP A 278 -1.35 12.58 22.92
N THR A 279 -2.52 11.99 23.19
CA THR A 279 -3.75 12.47 22.60
C THR A 279 -4.83 12.53 23.70
N PHE A 280 -5.53 13.66 23.80
CA PHE A 280 -6.62 13.83 24.77
C PHE A 280 -7.91 14.20 24.06
N VAL A 281 -9.01 13.53 24.39
CA VAL A 281 -10.31 13.84 23.79
C VAL A 281 -11.22 14.58 24.78
N VAL A 282 -12.17 15.34 24.24
CA VAL A 282 -13.21 15.96 25.04
C VAL A 282 -14.51 15.14 24.90
N GLU A 283 -14.89 14.47 25.99
CA GLU A 283 -16.16 13.76 26.01
C GLU A 283 -17.18 14.57 26.82
N ASN A 284 -18.20 15.09 26.13
CA ASN A 284 -19.13 16.03 26.74
C ASN A 284 -20.17 15.38 27.67
N ALA A 285 -21.18 16.17 28.01
CA ALA A 285 -22.20 15.80 28.99
C ALA A 285 -23.10 14.67 28.51
N ASN A 286 -23.19 14.52 27.19
CA ASN A 286 -23.97 13.43 26.59
C ASN A 286 -23.15 12.17 26.32
N GLY A 287 -21.87 12.22 26.62
CA GLY A 287 -21.00 11.09 26.34
C GLY A 287 -20.44 11.10 24.93
N GLU A 288 -20.64 12.20 24.21
CA GLU A 288 -20.12 12.35 22.85
C GLU A 288 -18.71 12.95 22.79
N VAL A 289 -17.84 12.38 21.97
CA VAL A 289 -16.52 12.99 21.72
C VAL A 289 -16.62 14.08 20.65
N THR A 290 -16.26 15.31 21.00
CA THR A 290 -16.43 16.47 20.15
C THR A 290 -15.12 17.19 19.75
N ASP A 291 -14.02 16.89 20.42
CA ASP A 291 -12.72 17.56 20.16
C ASP A 291 -11.56 16.67 20.54
N PHE A 292 -10.37 16.94 20.00
CA PHE A 292 -9.17 16.35 20.58
C PHE A 292 -7.90 17.19 20.30
N LEU A 293 -6.90 16.97 21.14
CA LEU A 293 -5.61 17.62 21.01
C LEU A 293 -4.52 16.57 21.07
N SER A 294 -3.40 16.79 20.38
CA SER A 294 -2.29 15.84 20.44
C SER A 294 -0.94 16.54 20.33
N PHE A 295 0.07 15.96 20.96
CA PHE A 295 1.44 16.45 20.82
C PHE A 295 2.46 15.33 21.00
N TYR A 296 3.58 15.39 20.27
CA TYR A 296 4.61 14.35 20.43
C TYR A 296 5.86 14.82 21.21
N THR A 297 6.55 13.84 21.78
CA THR A 297 7.69 14.06 22.64
C THR A 297 9.02 13.99 21.86
N LEU A 298 9.82 15.06 21.90
CA LEU A 298 11.11 15.09 21.19
C LEU A 298 12.10 16.03 21.88
N PRO A 299 12.99 15.46 22.70
CA PRO A 299 14.01 16.23 23.43
C PRO A 299 15.16 16.63 22.52
N SER A 300 15.94 17.62 22.96
CA SER A 300 17.14 18.05 22.25
C SER A 300 18.33 17.98 23.21
N THR A 301 19.42 17.39 22.76
CA THR A 301 20.67 17.38 23.49
C THR A 301 21.14 18.83 23.60
N ILE A 302 21.65 19.23 24.76
CA ILE A 302 22.21 20.57 24.95
C ILE A 302 23.74 20.47 24.89
N MET A 303 24.38 20.94 23.84
CA MET A 303 25.79 20.59 23.73
C MET A 303 26.72 21.50 24.51
N ASN A 304 27.81 20.90 24.97
CA ASN A 304 28.88 21.60 25.65
C ASN A 304 28.41 22.39 26.86
N HIS A 305 27.60 21.76 27.71
CA HIS A 305 27.15 22.42 28.93
C HIS A 305 27.30 21.51 30.15
N PRO A 306 28.02 22.00 31.16
CA PRO A 306 28.44 21.22 32.34
C PRO A 306 27.29 20.70 33.20
N THR A 307 26.17 21.43 33.25
CA THR A 307 25.11 21.08 34.20
C THR A 307 23.82 20.59 33.54
N HIS A 308 23.36 21.29 32.50
CA HIS A 308 22.15 20.91 31.79
C HIS A 308 22.50 20.11 30.53
N LYS A 309 21.91 18.92 30.41
CA LYS A 309 22.32 17.97 29.39
C LYS A 309 21.25 17.84 28.30
N SER A 310 19.99 18.07 28.66
CA SER A 310 18.86 17.78 27.77
C SER A 310 17.69 18.76 27.89
N LEU A 311 17.17 19.19 26.74
CA LEU A 311 16.02 20.08 26.70
C LEU A 311 14.73 19.28 26.40
N LYS A 312 13.75 19.32 27.30
CA LYS A 312 12.49 18.58 27.14
C LYS A 312 11.44 19.40 26.40
N ALA A 313 11.08 18.95 25.20
CA ALA A 313 10.18 19.68 24.32
C ALA A 313 8.98 18.84 23.86
N ALA A 314 7.82 19.48 23.81
CA ALA A 314 6.58 18.88 23.27
C ALA A 314 6.20 19.60 21.98
N TYR A 315 5.80 18.84 20.96
CA TYR A 315 5.49 19.39 19.66
C TYR A 315 4.01 19.25 19.32
N SER A 316 3.35 20.36 19.03
CA SER A 316 1.97 20.31 18.59
C SER A 316 1.85 19.46 17.31
N PHE A 317 0.84 18.59 17.30
CA PHE A 317 0.64 17.61 16.22
C PHE A 317 -0.60 17.99 15.43
N TYR A 318 -1.72 17.30 15.69
CA TYR A 318 -3.02 17.66 15.09
C TYR A 318 -4.06 17.99 16.17
N ASN A 319 -4.75 19.11 16.03
CA ASN A 319 -5.76 19.57 16.99
C ASN A 319 -7.08 19.87 16.29
N VAL A 320 -8.14 19.17 16.70
CA VAL A 320 -9.45 19.32 16.08
C VAL A 320 -10.50 19.86 17.06
N HIS A 321 -11.22 20.89 16.64
CA HIS A 321 -12.27 21.48 17.45
C HIS A 321 -13.59 21.56 16.69
N THR A 322 -14.70 21.18 17.35
CA THR A 322 -16.04 21.37 16.80
C THR A 322 -16.99 22.02 17.83
N GLN A 323 -16.69 21.86 19.12
CA GLN A 323 -17.52 22.44 20.16
C GLN A 323 -16.72 23.29 21.16
N THR A 324 -15.56 22.81 21.57
CA THR A 324 -14.62 23.59 22.38
C THR A 324 -13.82 24.61 21.55
N PRO A 325 -13.69 25.86 22.02
CA PRO A 325 -12.88 26.85 21.30
C PRO A 325 -11.43 26.42 21.19
N LEU A 326 -10.81 26.67 20.05
CA LEU A 326 -9.42 26.25 19.81
C LEU A 326 -8.45 26.88 20.83
N LEU A 327 -8.70 28.12 21.21
CA LEU A 327 -7.91 28.81 22.22
C LEU A 327 -7.95 28.05 23.56
N ASP A 328 -9.14 27.64 23.98
CA ASP A 328 -9.30 26.82 25.18
C ASP A 328 -8.59 25.46 25.07
N LEU A 329 -8.76 24.80 23.93
CA LEU A 329 -8.10 23.52 23.68
C LEU A 329 -6.58 23.62 23.86
N MET A 330 -5.97 24.62 23.21
CA MET A 330 -4.53 24.72 23.22
C MET A 330 -4.00 25.17 24.58
N SER A 331 -4.76 26.00 25.29
CA SER A 331 -4.43 26.33 26.67
C SER A 331 -4.29 25.06 27.53
N ASP A 332 -5.27 24.17 27.45
CA ASP A 332 -5.17 22.87 28.11
C ASP A 332 -3.95 22.06 27.65
N ALA A 333 -3.63 22.10 26.36
CA ALA A 333 -2.41 21.43 25.88
C ALA A 333 -1.17 21.93 26.64
N LEU A 334 -1.04 23.24 26.77
CA LEU A 334 0.08 23.82 27.52
C LEU A 334 0.12 23.34 28.96
N VAL A 335 -1.03 23.39 29.64
CA VAL A 335 -1.13 22.92 31.01
C VAL A 335 -0.71 21.45 31.16
N LEU A 336 -1.17 20.59 30.26
CA LEU A 336 -0.78 19.18 30.30
C LEU A 336 0.75 18.99 30.11
N ALA A 337 1.32 19.69 29.17
CA ALA A 337 2.76 19.57 28.92
C ALA A 337 3.54 19.98 30.17
N LYS A 338 3.13 21.07 30.81
CA LYS A 338 3.80 21.53 32.02
C LYS A 338 3.71 20.46 33.11
N MET A 339 2.50 19.93 33.31
CA MET A 339 2.27 18.85 34.27
C MET A 339 3.19 17.65 34.04
N LYS A 340 3.41 17.32 32.77
CA LYS A 340 4.24 16.18 32.38
C LYS A 340 5.75 16.45 32.38
N GLY A 341 6.13 17.68 32.69
CA GLY A 341 7.52 18.01 32.92
C GLY A 341 8.29 18.58 31.75
N PHE A 342 7.60 18.99 30.70
CA PHE A 342 8.27 19.61 29.57
C PHE A 342 8.81 21.02 29.88
N ASP A 343 9.87 21.43 29.16
CA ASP A 343 10.47 22.75 29.33
C ASP A 343 9.88 23.79 28.40
N VAL A 344 9.38 23.33 27.25
CA VAL A 344 8.88 24.21 26.21
C VAL A 344 7.84 23.47 25.33
N PHE A 345 6.90 24.21 24.76
CA PHE A 345 5.87 23.64 23.87
C PHE A 345 6.02 24.33 22.51
N ASN A 346 6.28 23.56 21.45
CA ASN A 346 6.56 24.11 20.12
C ASN A 346 5.39 23.97 19.16
N ALA A 347 5.13 24.98 18.34
CA ALA A 347 4.09 24.86 17.33
C ALA A 347 4.43 25.65 16.05
N LEU A 348 4.01 25.12 14.90
CA LEU A 348 4.18 25.80 13.62
C LEU A 348 3.02 26.76 13.38
N ASP A 349 3.16 27.67 12.41
CA ASP A 349 2.07 28.61 12.13
C ASP A 349 1.08 28.11 11.07
N LEU A 350 1.04 26.80 10.87
CA LEU A 350 0.10 26.17 9.93
C LEU A 350 -1.34 25.98 10.45
N MET A 351 -2.21 25.51 9.56
CA MET A 351 -3.64 25.34 9.84
C MET A 351 -4.20 26.63 10.46
N GLU A 352 -4.88 26.55 11.61
CA GLU A 352 -5.45 27.74 12.24
C GLU A 352 -4.59 28.27 13.40
N ASN A 353 -3.34 27.82 13.45
CA ASN A 353 -2.51 28.09 14.61
C ASN A 353 -2.23 29.57 14.85
N LYS A 354 -2.20 30.37 13.80
CA LYS A 354 -1.96 31.80 13.97
C LYS A 354 -3.02 32.47 14.86
N THR A 355 -4.20 31.85 14.99
CA THR A 355 -5.25 32.46 15.80
C THR A 355 -4.94 32.40 17.29
N PHE A 356 -4.05 31.52 17.70
CA PHE A 356 -3.77 31.42 19.13
C PHE A 356 -2.32 31.66 19.58
N LEU A 357 -1.38 31.74 18.65
CA LEU A 357 0.03 31.81 19.05
C LEU A 357 0.35 33.04 19.93
N GLU A 358 -0.02 34.22 19.47
CA GLU A 358 0.25 35.43 20.25
C GLU A 358 -0.57 35.51 21.54
N LYS A 359 -1.84 35.11 21.48
CA LYS A 359 -2.70 35.17 22.66
C LYS A 359 -2.21 34.29 23.81
N LEU A 360 -1.57 33.16 23.48
CA LEU A 360 -1.14 32.21 24.49
C LEU A 360 0.36 32.35 24.83
N LYS A 361 0.94 33.45 24.40
CA LYS A 361 2.32 33.87 24.74
C LYS A 361 3.44 33.02 24.13
N PHE A 362 3.20 32.46 22.94
CA PHE A 362 4.28 31.92 22.14
C PHE A 362 5.19 33.05 21.69
N GLY A 363 6.48 32.77 21.53
CA GLY A 363 7.40 33.69 20.90
C GLY A 363 7.93 33.10 19.61
N ILE A 364 8.11 33.95 18.60
CA ILE A 364 8.52 33.45 17.29
C ILE A 364 9.97 32.99 17.33
N GLY A 365 10.26 31.91 16.60
CA GLY A 365 11.60 31.37 16.55
C GLY A 365 12.39 32.04 15.44
N ASP A 366 13.63 31.62 15.25
CA ASP A 366 14.38 32.12 14.11
C ASP A 366 14.61 30.98 13.12
N GLY A 367 13.86 31.01 12.03
CA GLY A 367 13.99 30.00 11.00
C GLY A 367 12.66 29.57 10.45
N ASN A 368 12.72 28.99 9.25
CA ASN A 368 11.55 28.47 8.56
C ASN A 368 11.56 26.94 8.54
N LEU A 369 10.39 26.33 8.41
CA LEU A 369 10.29 24.95 7.92
C LEU A 369 9.62 24.96 6.55
N GLN A 370 10.35 24.51 5.53
CA GLN A 370 9.88 24.55 4.16
C GLN A 370 9.19 23.23 3.81
N TYR A 371 8.09 23.30 3.08
CA TYR A 371 7.39 22.11 2.59
C TYR A 371 7.65 21.91 1.10
N TYR A 372 7.83 20.66 0.70
CA TYR A 372 8.15 20.35 -0.70
C TYR A 372 7.39 19.14 -1.25
N LEU A 373 7.15 19.17 -2.55
CA LEU A 373 6.69 18.01 -3.30
C LEU A 373 7.69 17.67 -4.43
N TYR A 374 7.94 16.38 -4.61
CA TYR A 374 8.77 15.85 -5.72
C TYR A 374 7.89 15.39 -6.89
N ASN A 375 8.21 15.87 -8.10
CA ASN A 375 7.51 15.48 -9.32
C ASN A 375 6.01 15.82 -9.28
N TRP A 376 5.70 16.99 -8.73
CA TRP A 376 4.34 17.53 -8.81
C TRP A 376 4.35 19.05 -8.88
N LYS A 377 3.74 19.61 -9.91
CA LYS A 377 3.71 21.04 -10.14
C LYS A 377 2.35 21.65 -9.75
N CYS A 378 2.36 22.64 -8.85
CA CYS A 378 1.14 23.29 -8.40
C CYS A 378 1.47 24.66 -7.78
N PRO A 379 0.49 25.57 -7.71
CA PRO A 379 0.72 26.88 -7.07
C PRO A 379 1.07 26.75 -5.59
N SER A 380 1.88 27.67 -5.08
CA SER A 380 2.22 27.64 -3.67
C SER A 380 1.04 28.13 -2.85
N MET A 381 1.08 27.89 -1.55
CA MET A 381 -0.02 28.26 -0.68
C MET A 381 0.48 28.92 0.60
N GLY A 382 -0.36 29.73 1.21
CA GLY A 382 -0.06 30.30 2.50
C GLY A 382 0.00 29.23 3.59
N ALA A 383 0.74 29.53 4.64
CA ALA A 383 0.95 28.59 5.74
C ALA A 383 -0.36 28.10 6.36
N GLU A 384 -1.36 28.97 6.38
CA GLU A 384 -2.67 28.65 6.96
C GLU A 384 -3.42 27.56 6.18
N LYS A 385 -2.95 27.28 4.97
CA LYS A 385 -3.54 26.28 4.10
C LYS A 385 -2.83 24.94 4.15
N VAL A 386 -1.73 24.91 4.88
CA VAL A 386 -0.95 23.70 5.10
C VAL A 386 -1.54 22.94 6.26
N GLY A 387 -1.85 21.66 6.02
CA GLY A 387 -2.50 20.83 7.00
C GLY A 387 -1.83 19.50 7.17
N LEU A 388 -0.50 19.50 7.12
CA LEU A 388 0.29 18.28 7.27
C LEU A 388 1.46 18.53 8.21
N VAL A 389 1.73 17.57 9.09
CA VAL A 389 2.82 17.67 10.06
C VAL A 389 3.71 16.43 10.05
N LEU A 390 5.00 16.63 9.79
CA LEU A 390 5.98 15.54 9.84
C LEU A 390 6.83 15.61 11.09
N GLN A 391 7.21 14.45 11.61
CA GLN A 391 8.06 14.39 12.80
C GLN A 391 9.47 14.90 12.54
N ARG B 10 -36.44 -12.67 -10.10
CA ARG B 10 -35.29 -12.99 -9.28
C ARG B 10 -34.99 -11.95 -8.22
N SER B 11 -34.82 -12.42 -6.99
CA SER B 11 -34.39 -11.59 -5.88
C SER B 11 -33.10 -12.12 -5.28
N TYR B 12 -32.36 -11.24 -4.63
CA TYR B 12 -31.14 -11.61 -3.97
C TYR B 12 -31.19 -11.07 -2.54
N GLN B 13 -31.46 -11.95 -1.58
CA GLN B 13 -31.70 -11.51 -0.22
C GLN B 13 -30.50 -10.72 0.33
N PHE B 14 -29.29 -11.17 0.03
CA PHE B 14 -28.09 -10.47 0.47
C PHE B 14 -27.66 -9.37 -0.49
N TRP B 15 -27.49 -9.68 -1.77
CA TRP B 15 -26.89 -8.73 -2.71
C TRP B 15 -27.73 -7.48 -2.95
N ASP B 16 -29.04 -7.57 -2.69
CA ASP B 16 -29.91 -6.40 -2.80
C ASP B 16 -29.59 -5.35 -1.74
N THR B 17 -28.94 -5.79 -0.67
CA THR B 17 -28.55 -4.88 0.41
C THR B 17 -27.20 -4.19 0.16
N GLN B 18 -26.50 -4.63 -0.88
CA GLN B 18 -25.12 -4.23 -1.13
C GLN B 18 -24.98 -3.08 -2.13
N PRO B 19 -23.85 -2.35 -2.09
CA PRO B 19 -23.64 -1.23 -3.03
C PRO B 19 -23.14 -1.71 -4.41
N VAL B 20 -24.01 -2.40 -5.14
CA VAL B 20 -23.77 -2.80 -6.51
C VAL B 20 -25.01 -2.46 -7.34
N PRO B 21 -24.84 -2.27 -8.65
CA PRO B 21 -26.01 -1.94 -9.48
C PRO B 21 -26.95 -3.13 -9.58
N LYS B 22 -28.23 -2.88 -9.84
CA LYS B 22 -29.20 -3.95 -10.03
C LYS B 22 -29.07 -4.64 -11.39
N LEU B 23 -29.29 -5.95 -11.38
CA LEU B 23 -29.46 -6.72 -12.60
C LEU B 23 -30.51 -6.04 -13.49
N GLY B 24 -30.15 -5.74 -14.73
CA GLY B 24 -31.08 -5.12 -15.66
C GLY B 24 -31.15 -3.60 -15.62
N GLU B 25 -30.47 -2.97 -14.66
CA GLU B 25 -30.25 -1.53 -14.70
C GLU B 25 -29.37 -1.15 -15.87
N VAL B 26 -29.71 -0.09 -16.59
CA VAL B 26 -28.81 0.45 -17.59
C VAL B 26 -27.90 1.51 -16.96
N VAL B 27 -26.58 1.30 -17.05
CA VAL B 27 -25.61 2.17 -16.39
C VAL B 27 -24.91 3.08 -17.39
N ASN B 28 -25.04 4.39 -17.19
CA ASN B 28 -24.39 5.34 -18.07
C ASN B 28 -23.52 6.36 -17.33
N THR B 29 -23.15 6.03 -16.09
CA THR B 29 -22.27 6.86 -15.28
C THR B 29 -20.99 6.13 -14.89
N HIS B 30 -20.10 6.83 -14.18
CA HIS B 30 -18.90 6.21 -13.63
C HIS B 30 -18.62 6.73 -12.23
N GLY B 31 -18.60 5.85 -11.23
CA GLY B 31 -18.25 6.26 -9.88
C GLY B 31 -18.78 5.41 -8.72
N PRO B 32 -18.43 5.79 -7.49
CA PRO B 32 -18.78 5.05 -6.27
C PRO B 32 -20.30 4.96 -6.10
N VAL B 33 -20.79 3.87 -5.52
CA VAL B 33 -22.22 3.75 -5.23
C VAL B 33 -22.59 4.47 -3.94
N GLU B 34 -21.72 4.37 -2.95
CA GLU B 34 -21.94 4.97 -1.63
C GLU B 34 -20.69 5.71 -1.17
N PRO B 35 -20.83 6.71 -0.29
CA PRO B 35 -19.61 7.44 0.07
C PRO B 35 -18.65 6.61 0.92
N ASP B 36 -17.36 6.95 0.87
CA ASP B 36 -16.36 6.34 1.75
C ASP B 36 -16.79 6.51 3.20
N LYS B 37 -16.44 5.57 4.06
CA LYS B 37 -16.86 5.64 5.45
C LYS B 37 -15.77 6.29 6.31
N ASP B 38 -16.13 7.26 7.15
CA ASP B 38 -15.09 7.84 7.99
C ASP B 38 -15.18 7.33 9.44
N ASN B 39 -16.14 6.45 9.72
CA ASN B 39 -16.03 5.60 10.90
C ASN B 39 -16.43 4.17 10.55
N ILE B 40 -15.67 3.20 11.01
CA ILE B 40 -16.03 1.85 10.68
CA ILE B 40 -15.83 1.79 10.66
C ILE B 40 -16.00 0.93 11.90
N ARG B 41 -16.95 0.01 11.88
CA ARG B 41 -17.18 -0.97 12.93
C ARG B 41 -15.89 -1.65 13.37
N GLN B 42 -15.55 -1.56 14.65
CA GLN B 42 -14.32 -2.16 15.19
C GLN B 42 -14.43 -3.64 15.55
N GLU B 43 -15.66 -4.13 15.74
CA GLU B 43 -15.87 -5.51 16.14
C GLU B 43 -16.25 -6.40 14.95
N PRO B 44 -15.71 -7.62 14.92
CA PRO B 44 -16.10 -8.61 13.90
C PRO B 44 -17.61 -8.88 13.93
N TYR B 45 -18.18 -9.19 12.77
CA TYR B 45 -19.59 -9.57 12.68
C TYR B 45 -19.87 -10.91 13.37
N THR B 46 -21.12 -11.13 13.76
CA THR B 46 -21.52 -12.37 14.45
C THR B 46 -21.64 -13.56 13.51
N LEU B 47 -21.02 -14.67 13.91
CA LEU B 47 -21.12 -15.93 13.18
C LEU B 47 -22.22 -16.80 13.80
N PRO B 48 -22.70 -17.80 13.05
CA PRO B 48 -23.64 -18.75 13.64
C PRO B 48 -23.04 -19.36 14.90
N GLN B 49 -23.86 -19.67 15.90
CA GLN B 49 -23.33 -20.21 17.15
C GLN B 49 -22.49 -21.46 16.90
N GLY B 50 -21.35 -21.54 17.58
CA GLY B 50 -20.46 -22.68 17.47
C GLY B 50 -19.26 -22.47 16.54
N PHE B 51 -19.23 -21.31 15.88
CA PHE B 51 -18.14 -20.97 14.96
C PHE B 51 -17.45 -19.66 15.35
N THR B 52 -16.19 -19.51 14.96
CA THR B 52 -15.41 -18.31 15.31
C THR B 52 -14.40 -17.93 14.22
N TRP B 53 -14.04 -16.65 14.16
CA TRP B 53 -13.03 -16.15 13.23
C TRP B 53 -11.59 -16.56 13.56
N ASP B 54 -10.76 -16.68 12.52
CA ASP B 54 -9.32 -16.81 12.71
C ASP B 54 -8.53 -16.34 11.48
N ALA B 55 -7.59 -15.43 11.70
CA ALA B 55 -6.68 -15.00 10.62
C ALA B 55 -5.58 -16.04 10.44
N LEU B 56 -5.43 -16.55 9.22
CA LEU B 56 -4.51 -17.67 9.00
C LEU B 56 -3.12 -17.20 8.64
N ASP B 57 -2.13 -17.63 9.41
CA ASP B 57 -0.72 -17.30 9.15
C ASP B 57 -0.16 -18.35 8.21
N LEU B 58 -0.12 -18.03 6.92
CA LEU B 58 0.28 -19.03 5.93
C LEU B 58 1.77 -19.34 5.99
N GLY B 59 2.50 -18.61 6.85
CA GLY B 59 3.91 -18.86 7.09
C GLY B 59 4.10 -20.00 8.06
N ASP B 60 3.00 -20.40 8.70
CA ASP B 60 2.98 -21.57 9.56
C ASP B 60 2.61 -22.77 8.68
N ARG B 61 3.48 -23.77 8.65
CA ARG B 61 3.30 -24.91 7.74
C ARG B 61 2.02 -25.69 7.98
N GLY B 62 1.72 -25.96 9.24
CA GLY B 62 0.50 -26.67 9.62
C GLY B 62 -0.75 -25.95 9.17
N VAL B 63 -0.76 -24.62 9.32
CA VAL B 63 -1.91 -23.82 8.97
C VAL B 63 -2.13 -23.78 7.46
N LEU B 64 -1.03 -23.58 6.71
CA LEU B 64 -1.08 -23.66 5.26
C LEU B 64 -1.64 -25.02 4.83
N LYS B 65 -1.22 -26.07 5.52
CA LYS B 65 -1.71 -27.41 5.24
C LYS B 65 -3.21 -27.53 5.47
N GLU B 66 -3.73 -26.87 6.51
CA GLU B 66 -5.16 -26.87 6.80
C GLU B 66 -5.97 -26.22 5.69
N LEU B 67 -5.47 -25.09 5.19
CA LEU B 67 -6.15 -24.41 4.09
C LEU B 67 -6.10 -25.23 2.80
N TYR B 68 -4.97 -25.87 2.53
CA TYR B 68 -4.84 -26.76 1.36
C TYR B 68 -5.94 -27.84 1.41
N THR B 69 -6.08 -28.46 2.58
CA THR B 69 -7.06 -29.53 2.76
C THR B 69 -8.51 -29.06 2.60
N LEU B 70 -8.85 -27.92 3.20
CA LEU B 70 -10.17 -27.33 3.03
C LEU B 70 -10.51 -27.11 1.55
N LEU B 71 -9.58 -26.53 0.80
CA LEU B 71 -9.81 -26.23 -0.61
C LEU B 71 -9.80 -27.50 -1.45
N ASN B 72 -8.85 -28.39 -1.18
CA ASN B 72 -8.79 -29.67 -1.87
C ASN B 72 -10.11 -30.46 -1.78
N GLU B 73 -10.77 -30.37 -0.63
CA GLU B 73 -11.98 -31.17 -0.38
C GLU B 73 -13.28 -30.42 -0.63
N ASN B 74 -13.25 -29.09 -0.69
CA ASN B 74 -14.49 -28.33 -0.72
C ASN B 74 -14.57 -27.16 -1.71
N TYR B 75 -13.57 -26.98 -2.59
CA TYR B 75 -13.59 -25.82 -3.46
C TYR B 75 -14.32 -26.11 -4.79
N VAL B 76 -14.00 -25.34 -5.82
CA VAL B 76 -14.78 -25.28 -7.05
C VAL B 76 -14.75 -26.59 -7.84
N GLU B 77 -15.94 -27.06 -8.23
CA GLU B 77 -16.10 -28.21 -9.13
C GLU B 77 -16.63 -27.73 -10.47
N ASP B 78 -16.43 -28.55 -11.50
CA ASP B 78 -17.03 -28.25 -12.79
C ASP B 78 -18.56 -28.45 -12.74
N ASP B 79 -19.25 -27.96 -13.77
CA ASP B 79 -20.70 -28.06 -13.82
C ASP B 79 -21.25 -29.51 -13.84
N ASP B 80 -20.38 -30.50 -14.04
CA ASP B 80 -20.78 -31.90 -14.02
C ASP B 80 -20.34 -32.67 -12.77
N ASN B 81 -19.79 -31.96 -11.80
CA ASN B 81 -19.27 -32.53 -10.56
C ASN B 81 -18.35 -33.75 -10.78
N MET B 82 -17.48 -33.64 -11.79
N MET B 82 -17.46 -33.65 -11.76
CA MET B 82 -16.50 -34.68 -12.09
CA MET B 82 -16.50 -34.70 -12.03
C MET B 82 -15.07 -34.29 -11.69
C MET B 82 -15.05 -34.30 -11.70
N PHE B 83 -14.78 -33.00 -11.67
CA PHE B 83 -13.43 -32.49 -11.37
C PHE B 83 -13.47 -31.38 -10.31
N ARG B 84 -12.43 -31.32 -9.48
CA ARG B 84 -12.32 -30.27 -8.46
CA ARG B 84 -12.33 -30.28 -8.45
C ARG B 84 -10.92 -29.67 -8.43
N PHE B 85 -10.83 -28.34 -8.36
CA PHE B 85 -9.51 -27.68 -8.32
C PHE B 85 -8.63 -28.24 -7.24
N ASP B 86 -7.34 -28.36 -7.51
CA ASP B 86 -6.42 -28.87 -6.50
C ASP B 86 -5.18 -27.96 -6.38
N TYR B 87 -5.37 -26.74 -5.87
CA TYR B 87 -4.27 -25.80 -5.66
C TYR B 87 -3.19 -26.34 -4.72
N SER B 88 -1.93 -26.28 -5.14
CA SER B 88 -0.84 -26.74 -4.27
C SER B 88 -0.57 -25.72 -3.16
N PRO B 89 0.03 -26.16 -2.04
CA PRO B 89 0.42 -25.24 -0.98
C PRO B 89 1.32 -24.10 -1.48
N GLU B 90 2.31 -24.41 -2.31
CA GLU B 90 3.21 -23.40 -2.84
C GLU B 90 2.48 -22.45 -3.79
N PHE B 91 1.50 -22.97 -4.54
CA PHE B 91 0.70 -22.10 -5.41
C PHE B 91 -0.08 -21.10 -4.55
N LEU B 92 -0.67 -21.60 -3.48
CA LEU B 92 -1.46 -20.72 -2.60
C LEU B 92 -0.60 -19.56 -2.04
N LEU B 93 0.62 -19.86 -1.64
CA LEU B 93 1.56 -18.83 -1.20
C LEU B 93 1.82 -17.79 -2.28
N TRP B 94 1.94 -18.24 -3.54
CA TRP B 94 2.13 -17.33 -4.66
C TRP B 94 0.92 -16.41 -4.86
N ALA B 95 -0.29 -16.97 -4.78
CA ALA B 95 -1.50 -16.20 -5.03
C ALA B 95 -1.93 -15.34 -3.83
N LEU B 96 -1.59 -15.73 -2.62
CA LEU B 96 -2.12 -15.06 -1.45
C LEU B 96 -1.10 -14.14 -0.76
N ARG B 97 0.17 -14.20 -1.18
CA ARG B 97 1.18 -13.28 -0.64
C ARG B 97 1.94 -12.44 -1.67
N PRO B 98 1.23 -11.72 -2.54
CA PRO B 98 1.93 -10.80 -3.43
C PRO B 98 2.41 -9.59 -2.64
N PRO B 99 3.17 -8.67 -3.28
CA PRO B 99 3.56 -7.47 -2.52
C PRO B 99 2.36 -6.74 -1.87
N GLY B 100 2.51 -6.40 -0.59
CA GLY B 100 1.47 -5.65 0.11
C GLY B 100 0.42 -6.51 0.82
N TRP B 101 0.60 -7.82 0.75
CA TRP B 101 -0.33 -8.74 1.43
C TRP B 101 -0.42 -8.45 2.94
N LEU B 102 -1.56 -8.81 3.54
CA LEU B 102 -1.84 -8.65 4.97
C LEU B 102 -2.44 -9.91 5.59
N PRO B 103 -1.99 -10.27 6.79
CA PRO B 103 -2.47 -11.52 7.40
C PRO B 103 -3.95 -11.45 7.82
N GLN B 104 -4.42 -10.26 8.21
CA GLN B 104 -5.83 -10.11 8.61
C GLN B 104 -6.76 -10.30 7.41
N TRP B 105 -6.20 -10.27 6.20
CA TRP B 105 -7.00 -10.45 5.00
C TRP B 105 -7.02 -11.91 4.54
N HIS B 106 -6.46 -12.81 5.35
CA HIS B 106 -6.57 -14.25 5.15
C HIS B 106 -7.58 -14.76 6.17
N CYS B 107 -8.84 -14.62 5.83
CA CYS B 107 -9.91 -14.66 6.82
C CYS B 107 -10.56 -16.03 6.94
N GLY B 108 -10.19 -16.78 7.98
CA GLY B 108 -10.72 -18.11 8.18
C GLY B 108 -11.88 -18.20 9.18
N VAL B 109 -12.61 -19.31 9.11
CA VAL B 109 -13.69 -19.62 10.06
C VAL B 109 -13.45 -21.02 10.62
N ARG B 110 -13.45 -21.15 11.93
CA ARG B 110 -13.22 -22.45 12.56
C ARG B 110 -14.38 -22.83 13.47
N VAL B 111 -14.51 -24.12 13.73
CA VAL B 111 -15.41 -24.63 14.76
C VAL B 111 -14.82 -24.33 16.14
N VAL B 112 -15.61 -23.72 17.02
CA VAL B 112 -15.10 -23.26 18.31
C VAL B 112 -14.46 -24.38 19.15
N SER B 113 -15.13 -25.52 19.24
CA SER B 113 -14.66 -26.61 20.10
C SER B 113 -13.49 -27.42 19.56
N SER B 114 -13.56 -27.79 18.29
CA SER B 114 -12.53 -28.64 17.68
C SER B 114 -11.44 -27.84 16.98
N ARG B 115 -11.73 -26.57 16.71
CA ARG B 115 -10.86 -25.68 15.95
C ARG B 115 -10.74 -26.06 14.46
N LYS B 116 -11.54 -27.01 14.00
CA LYS B 116 -11.48 -27.45 12.59
C LYS B 116 -11.76 -26.31 11.61
N LEU B 117 -10.89 -26.14 10.62
CA LEU B 117 -11.13 -25.10 9.62
C LEU B 117 -12.30 -25.47 8.69
N VAL B 118 -13.28 -24.58 8.56
CA VAL B 118 -14.46 -24.91 7.76
C VAL B 118 -14.91 -23.81 6.81
N GLY B 119 -14.25 -22.65 6.85
CA GLY B 119 -14.55 -21.57 5.94
C GLY B 119 -13.35 -20.65 5.65
N PHE B 120 -13.38 -19.93 4.53
CA PHE B 120 -12.28 -19.02 4.15
C PHE B 120 -12.71 -18.01 3.11
N ILE B 121 -12.09 -16.85 3.14
CA ILE B 121 -12.16 -15.84 2.08
C ILE B 121 -10.89 -14.98 2.16
N SER B 122 -10.41 -14.50 1.01
CA SER B 122 -9.17 -13.70 0.98
C SER B 122 -9.27 -12.41 0.19
N ALA B 123 -8.45 -11.42 0.59
CA ALA B 123 -8.26 -10.21 -0.18
C ALA B 123 -6.76 -9.97 -0.40
N ILE B 124 -6.41 -9.45 -1.58
CA ILE B 124 -5.05 -8.97 -1.83
C ILE B 124 -5.14 -7.60 -2.48
N PRO B 125 -4.15 -6.72 -2.22
CA PRO B 125 -4.24 -5.39 -2.81
C PRO B 125 -3.89 -5.37 -4.29
N ALA B 126 -4.50 -4.46 -5.05
CA ALA B 126 -4.15 -4.30 -6.45
C ALA B 126 -4.58 -2.94 -6.94
N ASN B 127 -3.72 -2.29 -7.72
CA ASN B 127 -4.15 -1.10 -8.42
C ASN B 127 -4.88 -1.45 -9.70
N ILE B 128 -6.06 -0.87 -9.87
CA ILE B 128 -6.96 -1.27 -10.94
C ILE B 128 -7.32 -0.11 -11.83
N HIS B 129 -7.15 -0.32 -13.13
CA HIS B 129 -7.54 0.65 -14.14
C HIS B 129 -8.90 0.25 -14.70
N ILE B 130 -9.89 1.13 -14.54
CA ILE B 130 -11.23 0.86 -15.07
C ILE B 130 -11.67 2.11 -15.84
N TYR B 131 -11.81 1.94 -17.15
CA TYR B 131 -12.07 3.03 -18.08
C TYR B 131 -11.07 4.18 -17.83
N ASP B 132 -11.54 5.37 -17.44
CA ASP B 132 -10.63 6.50 -17.27
C ASP B 132 -10.17 6.72 -15.82
N THR B 133 -10.34 5.72 -14.97
CA THR B 133 -9.98 5.86 -13.57
C THR B 133 -8.97 4.83 -13.14
N GLU B 134 -8.02 5.21 -12.30
CA GLU B 134 -7.18 4.22 -11.66
C GLU B 134 -7.42 4.34 -10.15
N LYS B 135 -7.58 3.19 -9.50
CA LYS B 135 -8.05 3.10 -8.14
C LYS B 135 -7.30 1.99 -7.41
N LYS B 136 -6.87 2.26 -6.18
CA LYS B 136 -6.40 1.21 -5.30
C LYS B 136 -7.61 0.37 -4.88
N MET B 137 -7.57 -0.93 -5.16
CA MET B 137 -8.68 -1.83 -4.86
C MET B 137 -8.17 -3.07 -4.15
N VAL B 138 -9.05 -4.02 -3.84
CA VAL B 138 -8.62 -5.38 -3.49
C VAL B 138 -9.22 -6.40 -4.49
N GLU B 139 -8.57 -7.54 -4.62
CA GLU B 139 -9.11 -8.68 -5.36
C GLU B 139 -9.57 -9.72 -4.37
N ILE B 140 -10.82 -10.15 -4.50
CA ILE B 140 -11.37 -11.18 -3.62
C ILE B 140 -11.31 -12.55 -4.28
N ASN B 141 -10.80 -13.55 -3.56
CA ASN B 141 -10.64 -14.88 -4.15
C ASN B 141 -10.69 -15.96 -3.07
N PHE B 142 -10.85 -17.23 -3.48
CA PHE B 142 -10.84 -18.37 -2.58
C PHE B 142 -11.94 -18.35 -1.47
N LEU B 143 -13.10 -17.79 -1.78
CA LEU B 143 -14.28 -17.99 -0.93
C LEU B 143 -14.69 -19.46 -0.91
N CYS B 144 -14.75 -20.04 0.30
CA CYS B 144 -15.07 -21.47 0.44
C CYS B 144 -15.76 -21.81 1.78
N VAL B 145 -16.87 -22.55 1.68
CA VAL B 145 -17.55 -23.09 2.85
C VAL B 145 -17.61 -24.62 2.75
N HIS B 146 -17.21 -25.30 3.82
CA HIS B 146 -17.24 -26.75 3.89
C HIS B 146 -18.57 -27.32 3.35
N LYS B 147 -18.48 -28.41 2.60
CA LYS B 147 -19.68 -29.03 2.01
C LYS B 147 -20.79 -29.26 3.03
N LYS B 148 -20.45 -29.72 4.23
CA LYS B 148 -21.46 -30.02 5.24
C LYS B 148 -22.14 -28.78 5.85
N LEU B 149 -21.63 -27.59 5.54
CA LEU B 149 -22.18 -26.36 6.10
C LEU B 149 -22.81 -25.48 5.04
N ARG B 150 -23.06 -26.05 3.86
CA ARG B 150 -23.63 -25.28 2.78
C ARG B 150 -25.06 -24.88 3.03
N SER B 151 -25.45 -23.76 2.45
CA SER B 151 -26.81 -23.26 2.47
C SER B 151 -27.25 -22.84 3.87
N LYS B 152 -26.29 -22.48 4.72
CA LYS B 152 -26.62 -22.02 6.06
C LYS B 152 -26.33 -20.53 6.25
N ARG B 153 -26.27 -19.78 5.13
CA ARG B 153 -25.96 -18.34 5.12
C ARG B 153 -24.65 -17.97 5.79
N VAL B 154 -23.64 -18.83 5.67
CA VAL B 154 -22.32 -18.49 6.15
C VAL B 154 -21.58 -17.55 5.17
N ALA B 155 -21.79 -17.74 3.88
CA ALA B 155 -21.06 -16.93 2.89
C ALA B 155 -21.34 -15.42 2.97
N PRO B 156 -22.61 -15.01 3.21
CA PRO B 156 -22.81 -13.56 3.38
C PRO B 156 -22.02 -12.97 4.56
N VAL B 157 -21.79 -13.75 5.59
CA VAL B 157 -21.04 -13.26 6.73
C VAL B 157 -19.55 -13.11 6.38
N LEU B 158 -19.01 -14.09 5.66
CA LEU B 158 -17.63 -14.00 5.20
C LEU B 158 -17.44 -12.75 4.37
N ILE B 159 -18.41 -12.47 3.51
CA ILE B 159 -18.27 -11.32 2.62
C ILE B 159 -18.33 -9.98 3.39
N ARG B 160 -19.26 -9.87 4.34
CA ARG B 160 -19.32 -8.65 5.14
C ARG B 160 -18.06 -8.45 5.96
N GLU B 161 -17.51 -9.52 6.52
CA GLU B 161 -16.36 -9.39 7.40
C GLU B 161 -15.10 -8.98 6.63
N ILE B 162 -14.88 -9.56 5.45
CA ILE B 162 -13.72 -9.17 4.66
C ILE B 162 -13.90 -7.72 4.22
N THR B 163 -15.15 -7.33 3.94
CA THR B 163 -15.44 -5.95 3.58
C THR B 163 -15.01 -4.99 4.72
N ARG B 164 -15.38 -5.34 5.94
CA ARG B 164 -15.05 -4.55 7.13
C ARG B 164 -13.52 -4.42 7.28
N ARG B 165 -12.83 -5.56 7.17
CA ARG B 165 -11.38 -5.57 7.34
C ARG B 165 -10.61 -4.80 6.28
N VAL B 166 -11.21 -4.68 5.09
CA VAL B 166 -10.61 -3.93 3.99
C VAL B 166 -10.89 -2.45 4.21
N HIS B 167 -12.11 -2.13 4.63
CA HIS B 167 -12.48 -0.77 5.02
C HIS B 167 -11.50 -0.16 6.05
N LEU B 168 -11.07 -0.97 7.02
CA LEU B 168 -10.17 -0.50 8.08
C LEU B 168 -8.85 0.03 7.53
N GLU B 169 -8.47 -0.46 6.35
CA GLU B 169 -7.23 -0.03 5.70
C GLU B 169 -7.46 1.06 4.67
N GLY B 170 -8.68 1.57 4.59
CA GLY B 170 -8.98 2.72 3.75
C GLY B 170 -9.31 2.45 2.29
N ILE B 171 -9.60 1.20 1.97
CA ILE B 171 -9.96 0.81 0.63
C ILE B 171 -11.47 0.53 0.52
N PHE B 172 -12.14 1.10 -0.48
CA PHE B 172 -13.58 0.97 -0.57
C PHE B 172 -14.14 0.41 -1.89
N GLN B 173 -13.26 -0.14 -2.74
CA GLN B 173 -13.69 -0.83 -3.97
C GLN B 173 -12.98 -2.17 -4.07
N ALA B 174 -13.60 -3.12 -4.79
CA ALA B 174 -13.03 -4.44 -5.02
C ALA B 174 -13.39 -4.98 -6.41
N VAL B 175 -12.60 -5.93 -6.88
CA VAL B 175 -12.86 -6.61 -8.13
C VAL B 175 -12.88 -8.11 -7.85
N TYR B 176 -13.74 -8.86 -8.55
CA TYR B 176 -13.80 -10.30 -8.33
C TYR B 176 -14.45 -11.05 -9.48
N THR B 177 -14.24 -12.36 -9.50
CA THR B 177 -14.85 -13.21 -10.53
C THR B 177 -15.61 -14.35 -9.89
N ALA B 178 -16.64 -14.83 -10.57
CA ALA B 178 -17.36 -16.03 -10.15
C ALA B 178 -18.10 -16.70 -11.31
N GLY B 179 -18.46 -17.97 -11.13
CA GLY B 179 -19.24 -18.71 -12.12
C GLY B 179 -20.72 -18.36 -12.13
N VAL B 180 -21.25 -17.98 -10.96
CA VAL B 180 -22.66 -17.66 -10.84
C VAL B 180 -23.01 -16.23 -11.23
N VAL B 181 -24.26 -16.02 -11.58
CA VAL B 181 -24.75 -14.70 -11.95
C VAL B 181 -25.25 -13.92 -10.74
N LEU B 182 -24.64 -12.76 -10.52
CA LEU B 182 -24.91 -11.89 -9.38
C LEU B 182 -25.13 -10.47 -9.87
N PRO B 183 -25.73 -9.60 -9.04
CA PRO B 183 -25.75 -8.18 -9.42
C PRO B 183 -24.37 -7.57 -9.25
N LYS B 184 -23.73 -7.00 -10.27
CA LYS B 184 -24.12 -7.07 -11.66
C LYS B 184 -22.84 -7.17 -12.50
N PRO B 185 -22.79 -8.12 -13.45
CA PRO B 185 -21.52 -8.31 -14.18
C PRO B 185 -21.04 -7.08 -14.95
N VAL B 186 -19.76 -6.76 -14.84
CA VAL B 186 -19.20 -5.75 -15.73
C VAL B 186 -18.74 -6.38 -17.04
N GLY B 187 -18.49 -7.68 -17.01
CA GLY B 187 -18.12 -8.41 -18.22
C GLY B 187 -18.32 -9.90 -18.08
N THR B 188 -18.53 -10.59 -19.20
CA THR B 188 -18.75 -12.03 -19.17
C THR B 188 -17.84 -12.74 -20.18
N CYS B 189 -17.05 -13.69 -19.70
CA CYS B 189 -16.13 -14.46 -20.54
C CYS B 189 -16.53 -15.94 -20.60
N ARG B 190 -16.30 -16.57 -21.75
CA ARG B 190 -16.39 -18.01 -21.90
C ARG B 190 -14.98 -18.62 -21.80
N TYR B 191 -14.85 -19.75 -21.13
CA TYR B 191 -13.60 -20.49 -21.18
C TYR B 191 -13.57 -21.57 -22.27
N TRP B 192 -12.36 -21.79 -22.79
CA TRP B 192 -12.07 -22.73 -23.89
C TRP B 192 -10.92 -23.67 -23.51
N HIS B 193 -10.90 -24.85 -24.12
CA HIS B 193 -9.92 -25.86 -23.79
C HIS B 193 -9.23 -26.43 -25.04
N ARG B 194 -7.90 -26.55 -24.98
CA ARG B 194 -7.11 -27.15 -26.06
C ARG B 194 -6.53 -28.48 -25.63
N SER B 195 -7.00 -29.55 -26.27
CA SER B 195 -6.53 -30.90 -25.94
CA SER B 195 -6.55 -30.90 -25.95
C SER B 195 -5.06 -31.08 -26.25
N LEU B 196 -4.30 -31.61 -25.28
CA LEU B 196 -2.88 -31.92 -25.47
C LEU B 196 -2.65 -33.43 -25.42
N ASN B 197 -3.40 -34.09 -24.55
CA ASN B 197 -3.35 -35.54 -24.37
C ASN B 197 -4.76 -36.14 -24.48
N PRO B 198 -5.29 -36.18 -25.72
CA PRO B 198 -6.70 -36.54 -25.95
C PRO B 198 -7.08 -37.92 -25.41
N ARG B 199 -6.15 -38.87 -25.49
CA ARG B 199 -6.43 -40.20 -24.98
C ARG B 199 -6.79 -40.15 -23.51
N LYS B 200 -6.06 -39.37 -22.71
CA LYS B 200 -6.36 -39.27 -21.28
C LYS B 200 -7.65 -38.50 -21.04
N LEU B 201 -7.85 -37.41 -21.77
CA LEU B 201 -9.03 -36.59 -21.58
C LEU B 201 -10.32 -37.37 -21.85
N ILE B 202 -10.27 -38.24 -22.84
CA ILE B 202 -11.43 -39.07 -23.17
C ILE B 202 -11.65 -40.15 -22.11
N GLU B 203 -10.57 -40.75 -21.64
CA GLU B 203 -10.67 -41.78 -20.61
C GLU B 203 -11.25 -41.27 -19.29
N VAL B 204 -10.95 -40.02 -18.94
CA VAL B 204 -11.45 -39.47 -17.68
C VAL B 204 -12.72 -38.66 -17.89
N LYS B 205 -13.26 -38.71 -19.10
CA LYS B 205 -14.52 -38.04 -19.42
C LYS B 205 -14.49 -36.53 -19.32
N PHE B 206 -13.32 -35.90 -19.49
CA PHE B 206 -13.24 -34.46 -19.69
C PHE B 206 -13.82 -34.12 -21.05
N SER B 207 -13.51 -34.94 -22.05
CA SER B 207 -14.09 -34.79 -23.38
C SER B 207 -14.57 -36.13 -23.95
N HIS B 208 -15.21 -36.09 -25.10
CA HIS B 208 -15.74 -37.30 -25.72
C HIS B 208 -15.27 -37.49 -27.16
N LEU B 209 -15.13 -38.75 -27.55
CA LEU B 209 -14.75 -39.07 -28.91
C LEU B 209 -15.84 -38.61 -29.88
N SER B 210 -15.44 -37.94 -30.95
CA SER B 210 -16.37 -37.40 -31.93
C SER B 210 -17.08 -38.53 -32.67
N ARG B 211 -18.20 -38.22 -33.29
CA ARG B 211 -19.06 -39.25 -33.88
C ARG B 211 -18.44 -40.11 -34.97
N ASN B 212 -17.81 -39.47 -35.94
CA ASN B 212 -17.20 -40.18 -37.05
C ASN B 212 -15.68 -40.08 -37.06
N MET B 213 -15.10 -40.03 -35.87
CA MET B 213 -13.65 -40.01 -35.72
C MET B 213 -13.20 -41.14 -34.80
N THR B 214 -12.15 -41.85 -35.21
CA THR B 214 -11.50 -42.84 -34.36
C THR B 214 -10.59 -42.17 -33.36
N MET B 215 -10.14 -42.91 -32.34
CA MET B 215 -9.14 -42.38 -31.42
C MET B 215 -7.85 -42.01 -32.18
N GLN B 216 -7.41 -42.88 -33.09
CA GLN B 216 -6.22 -42.64 -33.89
C GLN B 216 -6.29 -41.32 -34.66
N ARG B 217 -7.42 -41.10 -35.31
CA ARG B 217 -7.68 -39.88 -36.05
C ARG B 217 -7.70 -38.67 -35.11
N THR B 218 -8.21 -38.87 -33.91
CA THR B 218 -8.30 -37.78 -32.94
C THR B 218 -6.91 -37.37 -32.47
N MET B 219 -6.08 -38.34 -32.11
CA MET B 219 -4.71 -38.07 -31.71
C MET B 219 -3.91 -37.37 -32.78
N LYS B 220 -4.19 -37.68 -34.05
CA LYS B 220 -3.43 -37.04 -35.12
C LYS B 220 -3.90 -35.60 -35.34
N LEU B 221 -5.20 -35.37 -35.16
CA LEU B 221 -5.77 -34.04 -35.29
C LEU B 221 -5.13 -33.04 -34.31
N TYR B 222 -4.82 -33.50 -33.11
CA TYR B 222 -4.30 -32.63 -32.05
C TYR B 222 -2.78 -32.69 -31.87
N ARG B 223 -2.08 -33.44 -32.73
CA ARG B 223 -0.64 -33.54 -32.58
C ARG B 223 0.07 -32.20 -32.78
N LEU B 224 1.13 -32.01 -32.00
CA LEU B 224 1.90 -30.78 -32.04
C LEU B 224 3.37 -31.04 -32.40
N PRO B 225 4.05 -30.01 -32.91
CA PRO B 225 5.51 -30.07 -33.05
C PRO B 225 6.18 -30.40 -31.73
N GLU B 226 7.36 -31.02 -31.79
CA GLU B 226 8.10 -31.39 -30.59
C GLU B 226 8.88 -30.24 -29.96
N THR B 227 9.11 -29.17 -30.72
CA THR B 227 9.85 -28.01 -30.22
CA THR B 227 9.86 -28.02 -30.24
C THR B 227 9.22 -26.73 -30.77
N PRO B 228 9.31 -25.63 -30.01
CA PRO B 228 8.73 -24.36 -30.45
C PRO B 228 9.34 -23.81 -31.72
N LYS B 229 8.55 -23.08 -32.49
CA LYS B 229 8.99 -22.52 -33.77
C LYS B 229 9.81 -21.21 -33.65
N THR B 230 9.47 -20.32 -32.71
CA THR B 230 10.17 -19.04 -32.55
C THR B 230 11.58 -19.31 -32.01
N ALA B 231 12.63 -19.00 -32.77
CA ALA B 231 13.98 -19.40 -32.35
C ALA B 231 14.56 -18.59 -31.17
N GLY B 232 14.17 -17.32 -31.05
CA GLY B 232 14.64 -16.49 -29.93
C GLY B 232 13.95 -16.71 -28.59
N LEU B 233 13.08 -17.72 -28.52
CA LEU B 233 12.32 -18.06 -27.31
C LEU B 233 13.16 -18.72 -26.22
N ARG B 234 13.03 -18.22 -24.98
CA ARG B 234 13.79 -18.73 -23.85
C ARG B 234 13.09 -18.35 -22.54
N PRO B 235 13.39 -19.05 -21.44
CA PRO B 235 12.82 -18.71 -20.15
C PRO B 235 13.18 -17.30 -19.67
N MET B 236 12.22 -16.63 -19.05
CA MET B 236 12.45 -15.36 -18.40
C MET B 236 13.56 -15.46 -17.36
N GLU B 237 14.41 -14.43 -17.30
CA GLU B 237 15.48 -14.33 -16.30
C GLU B 237 15.33 -13.01 -15.52
N THR B 238 16.08 -12.88 -14.44
CA THR B 238 16.09 -11.65 -13.63
C THR B 238 16.32 -10.38 -14.46
N LYS B 239 17.26 -10.45 -15.41
CA LYS B 239 17.58 -9.28 -16.23
C LYS B 239 16.42 -8.84 -17.12
N ASP B 240 15.43 -9.71 -17.30
CA ASP B 240 14.26 -9.37 -18.11
C ASP B 240 13.13 -8.66 -17.36
N ILE B 241 13.24 -8.55 -16.04
CA ILE B 241 12.13 -7.96 -15.27
C ILE B 241 11.73 -6.56 -15.79
N PRO B 242 12.68 -5.63 -16.02
CA PRO B 242 12.23 -4.32 -16.50
C PRO B 242 11.53 -4.31 -17.86
N VAL B 243 12.03 -5.05 -18.85
CA VAL B 243 11.41 -4.99 -20.17
C VAL B 243 10.04 -5.70 -20.17
N VAL B 244 9.91 -6.78 -19.43
CA VAL B 244 8.59 -7.44 -19.29
C VAL B 244 7.58 -6.46 -18.67
N HIS B 245 7.98 -5.74 -17.62
CA HIS B 245 7.14 -4.68 -17.05
C HIS B 245 6.76 -3.63 -18.07
N GLN B 246 7.73 -3.16 -18.86
CA GLN B 246 7.46 -2.18 -19.89
C GLN B 246 6.50 -2.72 -20.96
N LEU B 247 6.77 -3.93 -21.44
CA LEU B 247 5.95 -4.54 -22.47
C LEU B 247 4.49 -4.67 -21.98
N LEU B 248 4.32 -5.21 -20.78
CA LEU B 248 2.95 -5.39 -20.23
C LEU B 248 2.20 -4.07 -20.02
N THR B 249 2.87 -3.08 -19.44
CA THR B 249 2.21 -1.81 -19.14
C THR B 249 1.67 -1.14 -20.39
N ARG B 250 2.47 -1.14 -21.46
CA ARG B 250 2.03 -0.53 -22.70
C ARG B 250 0.95 -1.35 -23.43
N TYR B 251 1.05 -2.68 -23.38
CA TYR B 251 0.07 -3.52 -24.05
C TYR B 251 -1.34 -3.40 -23.44
N LEU B 252 -1.41 -3.34 -22.12
CA LEU B 252 -2.70 -3.31 -21.45
C LEU B 252 -3.50 -2.02 -21.64
N LYS B 253 -2.88 -0.95 -22.14
CA LYS B 253 -3.60 0.32 -22.29
C LYS B 253 -4.81 0.22 -23.24
N GLN B 254 -4.81 -0.77 -24.12
CA GLN B 254 -5.90 -0.90 -25.08
C GLN B 254 -7.19 -1.48 -24.49
N PHE B 255 -7.11 -2.06 -23.30
CA PHE B 255 -8.29 -2.67 -22.69
C PHE B 255 -8.93 -1.74 -21.65
N HIS B 256 -10.13 -2.07 -21.19
CA HIS B 256 -10.89 -1.18 -20.29
C HIS B 256 -10.88 -1.59 -18.82
N LEU B 257 -10.47 -2.83 -18.55
CA LEU B 257 -10.32 -3.31 -17.19
C LEU B 257 -9.03 -4.08 -17.03
N THR B 258 -8.05 -3.49 -16.35
CA THR B 258 -6.70 -4.08 -16.27
C THR B 258 -6.06 -3.84 -14.91
N PRO B 259 -5.06 -4.66 -14.56
CA PRO B 259 -4.23 -4.31 -13.41
C PRO B 259 -3.16 -3.27 -13.78
N VAL B 260 -2.71 -2.50 -12.80
CA VAL B 260 -1.55 -1.63 -12.95
C VAL B 260 -0.45 -2.13 -12.01
N MET B 261 0.58 -2.76 -12.57
CA MET B 261 1.59 -3.40 -11.75
C MET B 261 2.84 -2.53 -11.55
N SER B 262 3.40 -2.57 -10.34
CA SER B 262 4.75 -2.04 -10.13
C SER B 262 5.78 -3.02 -10.69
N GLN B 263 7.04 -2.62 -10.74
CA GLN B 263 8.07 -3.54 -11.23
C GLN B 263 8.25 -4.71 -10.27
N GLU B 264 8.04 -4.48 -8.97
CA GLU B 264 8.13 -5.55 -7.98
C GLU B 264 6.97 -6.54 -8.11
N GLU B 265 5.81 -6.03 -8.48
CA GLU B 265 4.63 -6.87 -8.72
C GLU B 265 4.85 -7.73 -9.98
N VAL B 266 5.47 -7.13 -10.99
CA VAL B 266 5.83 -7.89 -12.20
C VAL B 266 6.74 -9.06 -11.86
N GLU B 267 7.73 -8.82 -11.01
CA GLU B 267 8.62 -9.88 -10.56
C GLU B 267 7.82 -10.98 -9.84
N HIS B 268 6.95 -10.59 -8.92
CA HIS B 268 6.17 -11.61 -8.22
C HIS B 268 5.32 -12.46 -9.17
N TRP B 269 4.58 -11.81 -10.06
CA TRP B 269 3.59 -12.51 -10.86
C TRP B 269 4.17 -13.28 -12.07
N PHE B 270 5.38 -12.94 -12.50
CA PHE B 270 5.90 -13.55 -13.75
C PHE B 270 7.21 -14.31 -13.63
N TYR B 271 8.07 -13.98 -12.66
CA TYR B 271 9.33 -14.70 -12.57
C TYR B 271 9.06 -16.20 -12.34
N PRO B 272 9.66 -17.05 -13.20
CA PRO B 272 9.28 -18.48 -13.23
C PRO B 272 9.51 -19.22 -11.91
N GLN B 273 8.50 -19.96 -11.49
CA GLN B 273 8.62 -20.87 -10.36
C GLN B 273 8.06 -22.23 -10.80
N GLU B 274 8.86 -23.29 -10.68
CA GLU B 274 8.47 -24.57 -11.23
C GLU B 274 7.16 -25.11 -10.60
N ASN B 275 6.29 -25.62 -11.46
CA ASN B 275 4.99 -26.12 -11.04
C ASN B 275 4.07 -25.05 -10.49
N ILE B 276 4.36 -23.77 -10.77
CA ILE B 276 3.46 -22.69 -10.42
C ILE B 276 3.21 -21.73 -11.58
N ILE B 277 4.29 -21.11 -12.07
CA ILE B 277 4.16 -20.08 -13.07
C ILE B 277 5.32 -20.19 -14.06
N ASP B 278 4.99 -20.16 -15.35
CA ASP B 278 5.99 -20.24 -16.42
C ASP B 278 5.92 -18.98 -17.27
N THR B 279 7.08 -18.39 -17.56
CA THR B 279 7.14 -17.24 -18.46
C THR B 279 8.32 -17.42 -19.43
N PHE B 280 8.07 -17.25 -20.72
CA PHE B 280 9.09 -17.34 -21.76
C PHE B 280 9.13 -16.05 -22.56
N VAL B 281 10.32 -15.49 -22.79
CA VAL B 281 10.46 -14.27 -23.58
C VAL B 281 11.05 -14.55 -24.98
N VAL B 282 10.76 -13.67 -25.92
CA VAL B 282 11.39 -13.72 -27.22
C VAL B 282 12.48 -12.65 -27.31
N GLU B 283 13.73 -13.08 -27.36
CA GLU B 283 14.87 -12.19 -27.57
C GLU B 283 15.35 -12.27 -29.03
N ASN B 284 15.17 -11.18 -29.79
CA ASN B 284 15.40 -11.23 -31.22
C ASN B 284 16.89 -11.12 -31.65
N ALA B 285 17.10 -10.91 -32.94
CA ALA B 285 18.44 -10.91 -33.53
C ALA B 285 19.33 -9.74 -33.06
N ASN B 286 18.69 -8.70 -32.56
CA ASN B 286 19.41 -7.54 -32.01
C ASN B 286 19.63 -7.65 -30.51
N GLY B 287 19.08 -8.71 -29.93
CA GLY B 287 19.17 -8.94 -28.51
C GLY B 287 18.09 -8.26 -27.67
N GLU B 288 17.08 -7.67 -28.30
CA GLU B 288 15.98 -7.04 -27.58
C GLU B 288 14.87 -8.05 -27.35
N VAL B 289 14.26 -7.99 -26.17
CA VAL B 289 13.03 -8.74 -25.87
C VAL B 289 11.83 -7.99 -26.41
N THR B 290 11.07 -8.67 -27.27
CA THR B 290 9.96 -8.06 -28.00
C THR B 290 8.57 -8.69 -27.71
N ASP B 291 8.54 -9.85 -27.06
CA ASP B 291 7.28 -10.57 -26.79
C ASP B 291 7.42 -11.43 -25.54
N PHE B 292 6.30 -11.82 -24.91
CA PHE B 292 6.38 -12.87 -23.93
C PHE B 292 5.05 -13.60 -23.76
N LEU B 293 5.13 -14.81 -23.26
CA LEU B 293 3.97 -15.66 -22.99
C LEU B 293 4.10 -16.20 -21.58
N SER B 294 2.96 -16.45 -20.92
CA SER B 294 2.93 -16.99 -19.56
C SER B 294 1.71 -17.87 -19.30
N PHE B 295 1.88 -18.87 -18.46
CA PHE B 295 0.78 -19.73 -18.03
C PHE B 295 1.04 -20.32 -16.65
N TYR B 296 -0.02 -20.49 -15.83
CA TYR B 296 0.15 -21.06 -14.49
C TYR B 296 -0.40 -22.50 -14.38
N THR B 297 0.14 -23.23 -13.41
CA THR B 297 -0.15 -24.63 -13.14
C THR B 297 -1.28 -24.83 -12.14
N LEU B 298 -2.34 -25.54 -12.54
CA LEU B 298 -3.45 -25.81 -11.64
C LEU B 298 -4.13 -27.12 -12.04
N PRO B 299 -3.80 -28.20 -11.36
CA PRO B 299 -4.42 -29.51 -11.61
C PRO B 299 -5.83 -29.62 -11.02
N SER B 300 -6.60 -30.58 -11.51
CA SER B 300 -7.92 -30.89 -10.94
C SER B 300 -7.99 -32.34 -10.51
N THR B 301 -8.50 -32.57 -9.30
CA THR B 301 -8.76 -33.90 -8.79
C THR B 301 -9.83 -34.57 -9.66
N ILE B 302 -9.67 -35.85 -9.96
CA ILE B 302 -10.68 -36.58 -10.70
C ILE B 302 -11.53 -37.34 -9.69
N MET B 303 -12.78 -36.93 -9.50
CA MET B 303 -13.58 -37.41 -8.37
C MET B 303 -14.16 -38.81 -8.55
N LYS B 309 -5.57 -40.28 -11.24
CA LYS B 309 -5.88 -39.51 -10.04
C LYS B 309 -6.05 -38.02 -10.30
N SER B 310 -5.30 -37.50 -11.28
CA SER B 310 -5.20 -36.05 -11.42
C SER B 310 -5.13 -35.55 -12.86
N LEU B 311 -5.89 -34.51 -13.13
CA LEU B 311 -5.92 -33.88 -14.43
C LEU B 311 -4.95 -32.70 -14.44
N LYS B 312 -3.95 -32.76 -15.31
CA LYS B 312 -2.94 -31.69 -15.36
C LYS B 312 -3.29 -30.61 -16.35
N ALA B 313 -3.56 -29.42 -15.84
CA ALA B 313 -4.03 -28.31 -16.65
C ALA B 313 -3.14 -27.08 -16.56
N ALA B 314 -2.91 -26.44 -17.70
CA ALA B 314 -2.16 -25.19 -17.79
C ALA B 314 -3.09 -24.07 -18.20
N TYR B 315 -2.98 -22.91 -17.53
CA TYR B 315 -3.88 -21.78 -17.76
C TYR B 315 -3.17 -20.56 -18.37
N SER B 316 -3.69 -20.06 -19.48
CA SER B 316 -3.18 -18.86 -20.11
C SER B 316 -3.27 -17.68 -19.13
N PHE B 317 -2.19 -16.91 -19.00
CA PHE B 317 -2.11 -15.82 -18.02
C PHE B 317 -2.10 -14.50 -18.77
N TYR B 318 -0.93 -13.90 -18.94
CA TYR B 318 -0.79 -12.68 -19.77
C TYR B 318 0.18 -12.95 -20.93
N ASN B 319 -0.23 -12.60 -22.13
CA ASN B 319 0.58 -12.79 -23.35
C ASN B 319 0.68 -11.51 -24.16
N VAL B 320 1.91 -11.03 -24.34
CA VAL B 320 2.17 -9.75 -25.02
C VAL B 320 2.97 -9.96 -26.32
N HIS B 321 2.48 -9.40 -27.41
CA HIS B 321 3.15 -9.49 -28.70
C HIS B 321 3.39 -8.11 -29.31
N THR B 322 4.61 -7.87 -29.81
CA THR B 322 4.90 -6.65 -30.58
C THR B 322 5.65 -6.93 -31.90
N GLN B 323 6.34 -8.07 -31.97
CA GLN B 323 7.07 -8.42 -33.18
C GLN B 323 6.69 -9.81 -33.70
N THR B 324 6.58 -10.79 -32.80
CA THR B 324 6.09 -12.12 -33.14
C THR B 324 4.57 -12.12 -33.27
N PRO B 325 4.04 -12.75 -34.33
CA PRO B 325 2.58 -12.86 -34.45
C PRO B 325 1.97 -13.60 -33.26
N LEU B 326 0.82 -13.15 -32.80
CA LEU B 326 0.18 -13.76 -31.63
C LEU B 326 -0.15 -15.24 -31.86
N LEU B 327 -0.56 -15.57 -33.09
CA LEU B 327 -0.87 -16.96 -33.43
C LEU B 327 0.35 -17.85 -33.22
N ASP B 328 1.51 -17.39 -33.68
CA ASP B 328 2.78 -18.07 -33.41
C ASP B 328 3.13 -18.20 -31.93
N LEU B 329 2.98 -17.09 -31.18
CA LEU B 329 3.24 -17.10 -29.74
C LEU B 329 2.46 -18.18 -29.02
N MET B 330 1.16 -18.22 -29.29
CA MET B 330 0.28 -19.14 -28.57
C MET B 330 0.53 -20.57 -29.05
N SER B 331 0.87 -20.73 -30.32
CA SER B 331 1.32 -22.03 -30.80
C SER B 331 2.52 -22.53 -29.95
N ASP B 332 3.51 -21.66 -29.74
CA ASP B 332 4.65 -21.96 -28.87
C ASP B 332 4.23 -22.36 -27.46
N ALA B 333 3.27 -21.62 -26.90
CA ALA B 333 2.75 -21.92 -25.56
C ALA B 333 2.21 -23.34 -25.49
N LEU B 334 1.40 -23.72 -26.48
CA LEU B 334 0.84 -25.08 -26.53
C LEU B 334 1.93 -26.16 -26.56
N VAL B 335 2.94 -25.97 -27.43
CA VAL B 335 4.06 -26.89 -27.51
C VAL B 335 4.82 -27.01 -26.19
N LEU B 336 5.12 -25.88 -25.55
CA LEU B 336 5.78 -25.92 -24.24
C LEU B 336 4.98 -26.69 -23.20
N ALA B 337 3.68 -26.41 -23.14
CA ALA B 337 2.81 -27.06 -22.16
C ALA B 337 2.83 -28.57 -22.38
N LYS B 338 2.76 -28.98 -23.65
CA LYS B 338 2.83 -30.40 -24.00
C LYS B 338 4.13 -31.01 -23.52
N MET B 339 5.24 -30.34 -23.83
CA MET B 339 6.56 -30.78 -23.40
C MET B 339 6.63 -30.98 -21.90
N LYS B 340 6.01 -30.06 -21.16
CA LYS B 340 6.05 -30.10 -19.70
C LYS B 340 5.06 -31.08 -19.10
N GLY B 341 4.26 -31.74 -19.94
CA GLY B 341 3.45 -32.84 -19.49
C GLY B 341 2.00 -32.53 -19.11
N PHE B 342 1.52 -31.36 -19.48
CA PHE B 342 0.11 -31.01 -19.25
C PHE B 342 -0.83 -31.83 -20.15
N ASP B 343 -2.06 -32.04 -19.69
CA ASP B 343 -3.07 -32.76 -20.45
C ASP B 343 -3.94 -31.84 -21.30
N VAL B 344 -4.06 -30.59 -20.86
CA VAL B 344 -4.95 -29.63 -21.49
C VAL B 344 -4.44 -28.22 -21.21
N PHE B 345 -4.71 -27.29 -22.12
CA PHE B 345 -4.34 -25.88 -22.00
C PHE B 345 -5.62 -25.03 -22.04
N ASN B 346 -5.87 -24.25 -20.99
CA ASN B 346 -7.11 -23.48 -20.86
C ASN B 346 -6.95 -21.99 -21.09
N ALA B 347 -7.90 -21.39 -21.80
CA ALA B 347 -7.86 -19.95 -22.02
C ALA B 347 -9.26 -19.34 -22.07
N LEU B 348 -9.38 -18.11 -21.56
CA LEU B 348 -10.63 -17.35 -21.62
C LEU B 348 -10.73 -16.62 -22.95
N ASP B 349 -11.91 -16.12 -23.28
CA ASP B 349 -12.05 -15.39 -24.54
C ASP B 349 -11.82 -13.88 -24.39
N LEU B 350 -11.12 -13.50 -23.34
CA LEU B 350 -10.74 -12.10 -23.08
C LEU B 350 -9.55 -11.58 -23.90
N MET B 351 -9.26 -10.28 -23.76
CA MET B 351 -8.22 -9.57 -24.52
C MET B 351 -8.32 -9.92 -26.02
N GLU B 352 -7.23 -10.32 -26.68
CA GLU B 352 -7.31 -10.63 -28.11
C GLU B 352 -7.45 -12.13 -28.38
N ASN B 353 -7.83 -12.88 -27.36
CA ASN B 353 -7.80 -14.34 -27.44
C ASN B 353 -8.74 -14.93 -28.50
N LYS B 354 -9.84 -14.24 -28.79
CA LYS B 354 -10.73 -14.71 -29.84
C LYS B 354 -10.03 -14.81 -31.21
N THR B 355 -8.90 -14.12 -31.38
CA THR B 355 -8.22 -14.14 -32.67
C THR B 355 -7.51 -15.47 -32.91
N PHE B 356 -7.23 -16.24 -31.86
CA PHE B 356 -6.52 -17.50 -32.03
C PHE B 356 -7.22 -18.78 -31.53
N LEU B 357 -8.31 -18.66 -30.78
CA LEU B 357 -8.88 -19.85 -30.17
C LEU B 357 -9.30 -20.93 -31.19
N GLU B 358 -10.13 -20.56 -32.17
CA GLU B 358 -10.59 -21.55 -33.14
C GLU B 358 -9.46 -22.03 -34.06
N LYS B 359 -8.62 -21.10 -34.49
CA LYS B 359 -7.51 -21.44 -35.38
C LYS B 359 -6.54 -22.43 -34.75
N LEU B 360 -6.38 -22.40 -33.43
CA LEU B 360 -5.44 -23.30 -32.77
C LEU B 360 -6.13 -24.54 -32.17
N LYS B 361 -7.39 -24.75 -32.57
CA LYS B 361 -8.18 -25.95 -32.26
C LYS B 361 -8.61 -26.08 -30.79
N PHE B 362 -8.81 -24.94 -30.12
CA PHE B 362 -9.51 -24.92 -28.84
C PHE B 362 -10.97 -25.28 -29.07
N GLY B 363 -11.58 -25.92 -28.09
CA GLY B 363 -13.02 -26.14 -28.09
C GLY B 363 -13.66 -25.40 -26.92
N ILE B 364 -14.86 -24.86 -27.13
CA ILE B 364 -15.52 -24.06 -26.10
C ILE B 364 -16.01 -24.89 -24.92
N GLY B 365 -15.99 -24.30 -23.73
CA GLY B 365 -16.43 -24.94 -22.51
C GLY B 365 -17.94 -24.82 -22.33
N ASP B 366 -18.46 -25.26 -21.19
CA ASP B 366 -19.91 -25.17 -20.98
C ASP B 366 -20.43 -24.12 -19.97
N GLY B 367 -19.54 -23.27 -19.46
CA GLY B 367 -19.91 -22.28 -18.47
C GLY B 367 -19.29 -20.91 -18.69
N ASN B 368 -19.72 -19.92 -17.90
CA ASN B 368 -19.18 -18.55 -17.94
C ASN B 368 -18.26 -18.25 -16.75
N LEU B 369 -17.35 -17.29 -16.95
CA LEU B 369 -16.72 -16.60 -15.82
C LEU B 369 -17.16 -15.14 -15.86
N GLN B 370 -17.87 -14.70 -14.83
CA GLN B 370 -18.35 -13.32 -14.73
CA GLN B 370 -18.33 -13.31 -14.76
C GLN B 370 -17.32 -12.45 -14.02
N TYR B 371 -17.18 -11.20 -14.46
CA TYR B 371 -16.32 -10.24 -13.82
C TYR B 371 -17.18 -9.21 -13.06
N TYR B 372 -16.74 -8.80 -11.87
CA TYR B 372 -17.52 -7.88 -11.03
C TYR B 372 -16.69 -6.80 -10.35
N LEU B 373 -17.30 -5.64 -10.11
CA LEU B 373 -16.76 -4.61 -9.20
C LEU B 373 -17.74 -4.33 -8.04
N TYR B 374 -17.20 -4.15 -6.84
CA TYR B 374 -17.96 -3.76 -5.64
C TYR B 374 -17.86 -2.24 -5.43
N ASN B 375 -19.00 -1.57 -5.28
CA ASN B 375 -19.06 -0.11 -5.03
C ASN B 375 -18.40 0.71 -6.14
N TRP B 376 -18.62 0.30 -7.38
CA TRP B 376 -18.23 1.12 -8.52
C TRP B 376 -19.23 0.89 -9.64
N LYS B 377 -19.87 1.97 -10.05
CA LYS B 377 -20.91 1.91 -11.04
C LYS B 377 -20.36 2.38 -12.39
N CYS B 378 -20.44 1.51 -13.42
CA CYS B 378 -19.93 1.86 -14.75
C CYS B 378 -20.58 0.97 -15.82
N PRO B 379 -20.52 1.38 -17.10
CA PRO B 379 -21.06 0.52 -18.16
C PRO B 379 -20.34 -0.82 -18.28
N SER B 380 -21.06 -1.86 -18.69
CA SER B 380 -20.45 -3.16 -18.93
C SER B 380 -19.63 -3.11 -20.21
N MET B 381 -18.80 -4.13 -20.43
CA MET B 381 -17.97 -4.17 -21.63
C MET B 381 -17.94 -5.56 -22.24
N GLY B 382 -17.67 -5.63 -23.54
CA GLY B 382 -17.46 -6.91 -24.20
C GLY B 382 -16.22 -7.58 -23.66
N ALA B 383 -16.17 -8.91 -23.74
CA ALA B 383 -15.05 -9.70 -23.24
C ALA B 383 -13.70 -9.26 -23.82
N GLU B 384 -13.71 -8.79 -25.06
CA GLU B 384 -12.51 -8.37 -25.77
C GLU B 384 -11.84 -7.12 -25.14
N LYS B 385 -12.60 -6.40 -24.30
CA LYS B 385 -12.05 -5.22 -23.61
C LYS B 385 -11.60 -5.56 -22.19
N VAL B 386 -11.86 -6.78 -21.75
CA VAL B 386 -11.43 -7.23 -20.43
C VAL B 386 -9.97 -7.68 -20.46
N GLY B 387 -9.15 -7.09 -19.59
CA GLY B 387 -7.73 -7.34 -19.58
C GLY B 387 -7.15 -7.67 -18.22
N LEU B 388 -7.88 -8.46 -17.44
CA LEU B 388 -7.48 -8.86 -16.10
C LEU B 388 -7.71 -10.36 -15.93
N VAL B 389 -6.76 -11.06 -15.31
CA VAL B 389 -6.88 -12.50 -15.08
C VAL B 389 -6.59 -12.90 -13.64
N LEU B 390 -7.57 -13.50 -12.98
CA LEU B 390 -7.38 -13.97 -11.62
C LEU B 390 -7.19 -15.48 -11.55
N GLN B 391 -6.40 -15.94 -10.59
CA GLN B 391 -6.16 -17.36 -10.39
C GLN B 391 -7.40 -18.12 -9.92
#